data_5GWF
#
_entry.id   5GWF
#
_cell.length_a   77.160
_cell.length_b   44.400
_cell.length_c   114.360
_cell.angle_alpha   90.00
_cell.angle_beta   92.76
_cell.angle_gamma   90.00
#
_symmetry.space_group_name_H-M   'P 1 21 1'
#
loop_
_entity.id
_entity.type
_entity.pdbx_description
1 polymer DELTA-actitoxin-Afr1a
2 non-polymer 'CHLORIDE ION'
3 non-polymer 2-acetamido-2-deoxy-6-O-sulfo-alpha-D-glucopyranose
4 non-polymer GLYCEROL
5 water water
#
_entity_poly.entity_id   1
_entity_poly.type   'polypeptide(L)'
_entity_poly.pdbx_seq_one_letter_code
;MSADVAGAVIDGAGLGFDVLKTVLEALGNVKRKIAVGIDNESGKTWTAMNTYFRSGTSDIVLPHKVAHGKALLYNGQKNR
GPVATGVVGVIAYSMSDGNTLAVLFSVPYDYNWYSNWWNVRVYKGQKRADQRMYEELYYHRSPFRGDNGWHSRGLGYGLK
SRGFMNSSGHAILEIHVTKA
;
_entity_poly.pdbx_strand_id   A,B,C,D
#
loop_
_chem_comp.id
_chem_comp.type
_chem_comp.name
_chem_comp.formula
CL non-polymer 'CHLORIDE ION' 'Cl -1'
GOL non-polymer GLYCEROL 'C3 H8 O3'
NGY D-saccharide, alpha linking 2-acetamido-2-deoxy-6-O-sulfo-alpha-D-glucopyranose 'C8 H15 N O9 S'
#
# COMPACT_ATOMS: atom_id res chain seq x y z
N ASP A 4 -16.13 -4.73 42.19
CA ASP A 4 -15.21 -5.12 41.11
C ASP A 4 -13.93 -4.29 41.18
N VAL A 5 -13.22 -4.43 42.29
CA VAL A 5 -11.96 -3.77 42.47
C VAL A 5 -10.89 -4.82 42.72
N ALA A 6 -9.68 -4.51 42.28
CA ALA A 6 -8.55 -5.34 42.57
C ALA A 6 -8.38 -5.38 44.09
N GLY A 7 -8.10 -6.58 44.59
CA GLY A 7 -7.98 -6.84 46.01
C GLY A 7 -9.27 -7.45 46.55
N ALA A 8 -10.35 -7.41 45.77
CA ALA A 8 -11.61 -8.02 46.20
C ALA A 8 -11.80 -9.41 45.63
N VAL A 9 -12.73 -10.14 46.22
CA VAL A 9 -13.29 -11.34 45.64
C VAL A 9 -14.69 -11.06 45.20
N ILE A 10 -15.05 -11.67 44.09
CA ILE A 10 -16.38 -11.60 43.51
C ILE A 10 -16.96 -13.01 43.29
N ASP A 11 -18.26 -13.11 43.08
CA ASP A 11 -18.82 -14.40 42.66
CA ASP A 11 -18.88 -14.36 42.62
C ASP A 11 -18.12 -14.85 41.37
N GLY A 12 -17.69 -16.11 41.36
CA GLY A 12 -16.93 -16.66 40.25
C GLY A 12 -17.56 -16.47 38.88
N ALA A 13 -18.87 -16.66 38.82
CA ALA A 13 -19.63 -16.54 37.57
C ALA A 13 -19.63 -15.12 37.01
N GLY A 14 -19.33 -14.15 37.87
CA GLY A 14 -19.25 -12.72 37.48
C GLY A 14 -17.95 -12.33 36.79
N LEU A 15 -16.91 -13.14 36.94
CA LEU A 15 -15.64 -12.87 36.28
C LEU A 15 -15.77 -12.90 34.77
N GLY A 16 -15.27 -11.83 34.15
CA GLY A 16 -15.17 -11.81 32.71
C GLY A 16 -14.31 -10.63 32.25
N PHE A 17 -14.14 -10.52 30.94
CA PHE A 17 -13.24 -9.49 30.40
C PHE A 17 -13.68 -8.06 30.83
N ASP A 18 -14.97 -7.80 30.90
CA ASP A 18 -15.47 -6.51 31.35
C ASP A 18 -14.95 -6.11 32.73
N VAL A 19 -14.97 -7.04 33.66
CA VAL A 19 -14.51 -6.77 35.02
C VAL A 19 -13.01 -6.48 35.00
N LEU A 20 -12.27 -7.26 34.20
CA LEU A 20 -10.85 -7.05 34.10
C LEU A 20 -10.49 -5.73 33.42
N LYS A 21 -11.27 -5.30 32.42
CA LYS A 21 -11.03 -3.95 31.85
C LYS A 21 -11.28 -2.82 32.86
N THR A 22 -12.28 -2.98 33.70
CA THR A 22 -12.56 -2.06 34.78
C THR A 22 -11.36 -1.95 35.69
N VAL A 23 -10.79 -3.10 36.04
CA VAL A 23 -9.59 -3.11 36.87
C VAL A 23 -8.41 -2.39 36.17
N LEU A 24 -8.22 -2.66 34.88
CA LEU A 24 -7.19 -1.95 34.13
C LEU A 24 -7.45 -0.46 34.14
N GLU A 25 -8.70 -0.06 33.93
CA GLU A 25 -9.05 1.35 33.82
C GLU A 25 -8.68 2.11 35.14
N ALA A 26 -8.86 1.44 36.28
CA ALA A 26 -8.64 2.10 37.57
C ALA A 26 -7.14 2.40 37.80
N LEU A 27 -6.25 1.72 37.08
CA LEU A 27 -4.82 2.02 37.20
C LEU A 27 -4.39 3.32 36.49
N GLY A 28 -5.25 3.85 35.66
CA GLY A 28 -4.93 5.09 34.95
C GLY A 28 -3.99 4.88 33.79
N ASN A 29 -3.59 5.92 33.10
N ASN A 29 -3.44 6.03 33.45
CA ASN A 29 -3.00 5.66 31.77
CA ASN A 29 -2.60 6.24 32.31
C ASN A 29 -1.48 5.39 31.70
C ASN A 29 -1.21 5.75 32.53
N VAL A 30 -1.02 4.43 32.52
CA VAL A 30 0.33 3.97 32.60
C VAL A 30 0.55 3.02 31.40
N LYS A 31 1.81 2.88 31.04
CA LYS A 31 2.16 2.25 29.78
C LYS A 31 2.00 0.71 29.75
N ARG A 32 2.33 0.05 30.86
CA ARG A 32 2.28 -1.41 30.99
C ARG A 32 1.58 -1.73 32.29
N LYS A 33 0.53 -2.52 32.20
CA LYS A 33 -0.29 -2.91 33.34
C LYS A 33 -1.03 -4.20 33.03
N ILE A 34 -1.47 -4.87 34.09
CA ILE A 34 -2.21 -6.13 33.98
C ILE A 34 -3.33 -6.16 35.02
N ALA A 35 -4.46 -6.72 34.59
CA ALA A 35 -5.59 -7.06 35.46
C ALA A 35 -5.70 -8.59 35.43
N VAL A 36 -5.64 -9.18 36.60
CA VAL A 36 -5.69 -10.65 36.74
C VAL A 36 -6.96 -11.07 37.48
N GLY A 37 -7.69 -12.04 36.94
CA GLY A 37 -8.85 -12.62 37.59
C GLY A 37 -8.73 -14.10 37.60
N ILE A 38 -8.84 -14.71 38.77
CA ILE A 38 -8.73 -16.15 38.90
C ILE A 38 -9.96 -16.70 39.61
N ASP A 39 -10.75 -17.49 38.90
CA ASP A 39 -12.00 -18.10 39.38
C ASP A 39 -11.66 -19.44 40.03
N ASN A 40 -11.90 -19.54 41.32
CA ASN A 40 -11.69 -20.75 42.10
C ASN A 40 -12.95 -21.62 42.08
N GLU A 41 -12.95 -22.63 41.22
CA GLU A 41 -14.00 -23.65 41.21
C GLU A 41 -13.37 -24.99 41.54
N SER A 42 -12.33 -24.96 42.39
CA SER A 42 -11.51 -26.13 42.70
C SER A 42 -12.05 -27.02 43.78
N GLY A 43 -13.04 -26.54 44.52
CA GLY A 43 -13.58 -27.25 45.68
C GLY A 43 -12.75 -27.09 46.95
N LYS A 44 -11.70 -26.28 46.89
CA LYS A 44 -10.81 -25.97 48.00
C LYS A 44 -10.80 -24.47 48.26
N THR A 45 -10.50 -24.07 49.49
CA THR A 45 -10.27 -22.66 49.82
C THR A 45 -8.83 -22.35 49.55
N TRP A 46 -8.61 -21.16 48.98
CA TRP A 46 -7.28 -20.66 48.73
C TRP A 46 -6.92 -19.56 49.70
N THR A 47 -5.67 -19.57 50.16
CA THR A 47 -5.14 -18.51 51.02
C THR A 47 -3.90 -17.89 50.38
N ALA A 48 -3.92 -16.57 50.25
CA ALA A 48 -2.78 -15.88 49.64
C ALA A 48 -1.50 -16.17 50.36
N MET A 49 -0.44 -16.45 49.57
CA MET A 49 0.91 -16.54 50.09
C MET A 49 1.69 -15.27 49.77
N ASN A 50 1.98 -15.03 48.49
CA ASN A 50 2.72 -13.86 48.11
C ASN A 50 2.72 -13.71 46.60
N THR A 51 3.20 -12.55 46.15
CA THR A 51 3.50 -12.29 44.74
C THR A 51 4.96 -11.94 44.65
N TYR A 52 5.66 -12.59 43.73
CA TYR A 52 7.01 -12.28 43.38
C TYR A 52 6.95 -11.43 42.11
N PHE A 53 7.61 -10.26 42.11
CA PHE A 53 7.78 -9.46 40.89
C PHE A 53 9.22 -9.57 40.38
N ARG A 54 9.36 -10.04 39.14
CA ARG A 54 10.62 -9.89 38.42
C ARG A 54 10.77 -8.42 38.02
N SER A 55 9.67 -7.79 37.63
CA SER A 55 9.69 -6.36 37.37
CA SER A 55 9.67 -6.38 37.26
C SER A 55 8.27 -5.83 37.50
N GLY A 56 8.17 -4.62 37.98
CA GLY A 56 6.91 -4.04 38.28
C GLY A 56 6.50 -4.14 39.73
N THR A 57 5.26 -3.77 39.94
CA THR A 57 4.74 -3.54 41.26
C THR A 57 3.23 -3.67 41.29
N SER A 58 2.70 -3.85 42.50
CA SER A 58 1.30 -3.73 42.75
C SER A 58 1.11 -3.03 44.09
N ASP A 59 0.13 -2.15 44.13
CA ASP A 59 -0.27 -1.48 45.36
C ASP A 59 -1.39 -2.20 46.08
N ILE A 60 -1.78 -3.34 45.55
CA ILE A 60 -2.93 -4.16 45.97
C ILE A 60 -2.42 -5.31 46.82
N VAL A 61 -3.11 -5.58 47.91
CA VAL A 61 -2.91 -6.79 48.71
C VAL A 61 -3.64 -7.94 48.00
N LEU A 62 -2.95 -9.07 47.76
CA LEU A 62 -3.67 -10.26 47.23
C LEU A 62 -4.88 -10.55 48.08
N PRO A 63 -6.04 -10.84 47.46
CA PRO A 63 -7.24 -11.27 48.21
C PRO A 63 -6.88 -12.44 49.12
N HIS A 64 -7.07 -12.26 50.41
CA HIS A 64 -6.42 -13.13 51.37
C HIS A 64 -7.04 -14.53 51.35
N LYS A 65 -8.37 -14.60 51.26
CA LYS A 65 -9.12 -15.85 51.29
C LYS A 65 -10.02 -15.91 50.07
N VAL A 66 -9.89 -16.98 49.30
CA VAL A 66 -10.72 -17.16 48.10
C VAL A 66 -11.39 -18.52 48.17
N ALA A 67 -12.66 -18.49 48.58
CA ALA A 67 -13.46 -19.69 48.68
C ALA A 67 -13.82 -20.26 47.32
N HIS A 68 -14.12 -21.55 47.31
CA HIS A 68 -14.74 -22.17 46.15
C HIS A 68 -15.97 -21.36 45.76
N GLY A 69 -16.06 -21.08 44.47
CA GLY A 69 -17.16 -20.31 43.92
C GLY A 69 -16.88 -18.81 43.85
N LYS A 70 -15.70 -18.41 44.27
CA LYS A 70 -15.30 -17.03 44.19
C LYS A 70 -14.14 -16.85 43.20
N ALA A 71 -14.09 -15.65 42.62
CA ALA A 71 -12.95 -15.19 41.83
C ALA A 71 -12.22 -14.06 42.53
N LEU A 72 -10.90 -14.11 42.51
CA LEU A 72 -10.07 -13.06 43.04
C LEU A 72 -9.75 -12.08 41.90
N LEU A 73 -9.64 -10.81 42.25
CA LEU A 73 -9.15 -9.76 41.36
C LEU A 73 -7.85 -9.16 41.85
N TYR A 74 -6.92 -8.95 40.92
CA TYR A 74 -5.61 -8.44 41.23
C TYR A 74 -5.11 -7.58 40.09
N ASN A 75 -4.05 -6.85 40.36
CA ASN A 75 -3.42 -6.04 39.31
C ASN A 75 -1.95 -5.86 39.53
N GLY A 76 -1.29 -5.38 38.49
CA GLY A 76 0.10 -4.98 38.56
C GLY A 76 0.36 -3.94 37.49
N GLN A 77 1.48 -3.26 37.63
CA GLN A 77 1.86 -2.22 36.69
C GLN A 77 3.37 -2.15 36.62
N LYS A 78 3.88 -1.57 35.54
CA LYS A 78 5.35 -1.39 35.46
C LYS A 78 5.83 -0.46 36.58
N ASN A 79 7.09 -0.58 36.95
CA ASN A 79 7.72 0.38 37.82
C ASN A 79 7.53 1.78 37.19
N ARG A 80 7.16 2.75 38.00
CA ARG A 80 6.91 4.10 37.53
C ARG A 80 8.21 4.76 37.13
N GLY A 81 8.11 5.65 36.15
CA GLY A 81 9.29 6.44 35.78
C GLY A 81 9.94 5.95 34.51
N PRO A 82 11.09 6.54 34.17
CA PRO A 82 11.81 6.31 32.90
C PRO A 82 12.65 5.02 32.96
N VAL A 83 11.93 3.94 33.14
CA VAL A 83 12.49 2.60 33.06
C VAL A 83 11.69 1.83 32.04
N ALA A 84 12.40 1.27 31.05
CA ALA A 84 11.79 0.63 29.90
C ALA A 84 11.58 -0.86 30.24
N THR A 85 10.67 -1.10 31.17
CA THR A 85 10.40 -2.44 31.68
C THR A 85 8.92 -2.63 31.77
N GLY A 86 8.49 -3.88 31.90
CA GLY A 86 7.08 -4.21 31.91
C GLY A 86 6.57 -4.64 33.27
N VAL A 87 5.71 -5.66 33.30
CA VAL A 87 5.23 -6.16 34.56
C VAL A 87 5.21 -7.67 34.46
N VAL A 88 5.99 -8.28 35.34
CA VAL A 88 6.27 -9.71 35.24
C VAL A 88 6.35 -10.26 36.65
N GLY A 89 5.58 -11.33 36.91
CA GLY A 89 5.60 -11.88 38.24
C GLY A 89 4.89 -13.18 38.37
N VAL A 90 4.87 -13.66 39.61
CA VAL A 90 4.26 -14.94 39.94
C VAL A 90 3.45 -14.76 41.22
N ILE A 91 2.19 -15.20 41.17
CA ILE A 91 1.27 -15.24 42.30
C ILE A 91 1.22 -16.65 42.86
N ALA A 92 1.27 -16.77 44.21
CA ALA A 92 1.15 -18.07 44.85
C ALA A 92 0.05 -18.03 45.90
N TYR A 93 -0.83 -19.02 45.79
CA TYR A 93 -1.89 -19.26 46.77
C TYR A 93 -1.72 -20.68 47.32
N SER A 94 -1.89 -20.79 48.63
CA SER A 94 -1.89 -22.10 49.25
CA SER A 94 -1.91 -22.08 49.31
C SER A 94 -3.33 -22.62 49.19
N MET A 95 -3.49 -23.89 48.86
CA MET A 95 -4.80 -24.49 48.78
C MET A 95 -5.00 -25.36 50.03
N SER A 96 -6.25 -25.55 50.40
CA SER A 96 -6.54 -26.25 51.66
C SER A 96 -6.23 -27.74 51.61
N ASP A 97 -5.82 -28.28 50.44
CA ASP A 97 -5.30 -29.65 50.33
C ASP A 97 -3.81 -29.82 50.62
N GLY A 98 -3.14 -28.71 50.97
CA GLY A 98 -1.71 -28.72 51.25
C GLY A 98 -0.78 -28.35 50.10
N ASN A 99 -1.33 -28.09 48.93
CA ASN A 99 -0.54 -27.75 47.74
C ASN A 99 -0.67 -26.26 47.41
N THR A 100 0.07 -25.84 46.41
CA THR A 100 0.18 -24.43 46.03
C THR A 100 -0.24 -24.22 44.57
N LEU A 101 -1.09 -23.23 44.36
CA LEU A 101 -1.47 -22.76 43.03
C LEU A 101 -0.59 -21.58 42.67
N ALA A 102 0.15 -21.72 41.56
CA ALA A 102 1.04 -20.68 41.09
C ALA A 102 0.59 -20.17 39.71
N VAL A 103 0.67 -18.86 39.54
CA VAL A 103 0.29 -18.20 38.28
C VAL A 103 1.38 -17.20 37.87
N LEU A 104 1.95 -17.43 36.70
CA LEU A 104 2.89 -16.54 36.06
C LEU A 104 2.14 -15.59 35.13
N PHE A 105 2.60 -14.35 35.14
CA PHE A 105 2.20 -13.35 34.13
C PHE A 105 3.43 -12.59 33.67
N SER A 106 3.51 -12.31 32.38
CA SER A 106 4.68 -11.61 31.82
C SER A 106 4.21 -10.71 30.71
N VAL A 107 4.35 -9.42 30.92
CA VAL A 107 3.97 -8.34 30.01
C VAL A 107 5.23 -7.52 29.79
N PRO A 108 5.85 -7.65 28.63
CA PRO A 108 7.13 -6.95 28.41
C PRO A 108 6.97 -5.51 28.02
N TYR A 109 8.09 -4.81 28.04
CA TYR A 109 8.13 -3.44 27.51
C TYR A 109 8.12 -3.41 25.98
N ASP A 110 9.03 -4.14 25.36
CA ASP A 110 9.27 -4.01 23.93
C ASP A 110 8.65 -5.10 23.07
N TYR A 111 7.50 -4.82 22.49
CA TYR A 111 6.79 -5.74 21.63
C TYR A 111 7.40 -5.96 20.25
N ASN A 112 8.43 -5.20 19.91
CA ASN A 112 9.20 -5.56 18.72
C ASN A 112 9.96 -6.84 18.87
N TRP A 113 10.26 -7.20 20.11
CA TRP A 113 11.13 -8.31 20.41
C TRP A 113 10.57 -9.36 21.35
N TYR A 114 9.58 -8.98 22.18
CA TYR A 114 9.01 -9.90 23.18
C TYR A 114 7.49 -9.86 23.09
N SER A 115 6.87 -10.85 23.73
CA SER A 115 5.42 -11.05 23.73
C SER A 115 4.91 -11.34 25.15
N ASN A 116 3.60 -11.26 25.33
CA ASN A 116 2.96 -11.62 26.58
C ASN A 116 2.92 -13.14 26.77
N TRP A 117 3.14 -13.57 28.01
CA TRP A 117 3.05 -15.01 28.39
C TRP A 117 2.34 -15.12 29.75
N TRP A 118 1.82 -16.32 30.00
CA TRP A 118 1.25 -16.65 31.32
C TRP A 118 1.42 -18.12 31.56
N ASN A 119 1.19 -18.54 32.78
CA ASN A 119 1.23 -19.97 33.08
C ASN A 119 0.51 -20.24 34.38
N VAL A 120 0.14 -21.51 34.57
CA VAL A 120 -0.52 -21.93 35.80
CA VAL A 120 -0.53 -21.92 35.78
C VAL A 120 0.00 -23.32 36.12
N ARG A 121 0.31 -23.54 37.38
CA ARG A 121 0.79 -24.86 37.83
C ARG A 121 0.40 -25.10 39.26
N VAL A 122 0.19 -26.36 39.62
CA VAL A 122 0.04 -26.74 41.05
C VAL A 122 1.35 -27.39 41.48
N TYR A 123 1.92 -26.87 42.57
CA TYR A 123 3.11 -27.41 43.24
C TYR A 123 2.71 -28.22 44.44
N LYS A 124 3.44 -29.32 44.67
CA LYS A 124 3.25 -30.09 45.89
C LYS A 124 3.80 -29.31 47.08
N GLY A 125 3.00 -29.23 48.14
CA GLY A 125 3.38 -28.50 49.33
C GLY A 125 3.15 -27.02 49.22
N GLN A 126 3.57 -26.31 50.27
CA GLN A 126 3.39 -24.88 50.40
C GLN A 126 4.68 -24.20 49.91
N LYS A 127 4.59 -23.52 48.77
CA LYS A 127 5.78 -22.98 48.11
C LYS A 127 5.55 -21.52 47.78
N ARG A 128 6.38 -20.63 48.36
CA ARG A 128 6.26 -19.20 48.06
C ARG A 128 6.73 -18.91 46.64
N ALA A 129 6.11 -17.91 46.03
CA ALA A 129 6.58 -17.44 44.76
C ALA A 129 7.95 -16.75 44.95
N ASP A 130 8.87 -17.03 44.03
CA ASP A 130 10.21 -16.46 44.07
C ASP A 130 10.86 -16.55 42.69
N GLN A 131 12.09 -16.05 42.57
CA GLN A 131 12.77 -16.06 41.28
C GLN A 131 12.90 -17.46 40.70
N ARG A 132 13.20 -18.44 41.57
CA ARG A 132 13.29 -19.82 41.12
C ARG A 132 11.98 -20.31 40.49
N MET A 133 10.87 -20.00 41.12
CA MET A 133 9.55 -20.36 40.59
C MET A 133 9.28 -19.65 39.25
N TYR A 134 9.65 -18.38 39.14
CA TYR A 134 9.52 -17.65 37.88
C TYR A 134 10.30 -18.43 36.80
N GLU A 135 11.55 -18.79 37.08
CA GLU A 135 12.35 -19.48 36.08
CA GLU A 135 12.40 -19.49 36.10
C GLU A 135 11.75 -20.80 35.64
N GLU A 136 11.22 -21.57 36.61
CA GLU A 136 10.54 -22.83 36.31
C GLU A 136 9.34 -22.57 35.39
N LEU A 137 8.46 -21.66 35.78
CA LEU A 137 7.21 -21.40 35.04
C LEU A 137 7.41 -20.80 33.66
N TYR A 138 8.46 -20.00 33.52
CA TYR A 138 8.73 -19.33 32.27
C TYR A 138 9.59 -20.18 31.33
N TYR A 139 10.68 -20.74 31.84
CA TYR A 139 11.61 -21.48 30.97
C TYR A 139 11.40 -23.00 30.83
N HIS A 140 10.67 -23.62 31.77
CA HIS A 140 10.61 -25.08 31.81
C HIS A 140 9.24 -25.72 31.82
N ARG A 141 8.19 -24.96 32.09
CA ARG A 141 6.87 -25.58 32.26
C ARG A 141 5.86 -25.10 31.21
N SER A 142 6.36 -24.80 30.02
CA SER A 142 5.49 -24.61 28.84
C SER A 142 4.43 -23.51 29.01
N PRO A 143 4.89 -22.26 29.24
CA PRO A 143 3.93 -21.18 29.36
C PRO A 143 3.10 -21.00 28.09
N PHE A 144 1.95 -20.39 28.29
CA PHE A 144 1.03 -20.07 27.20
C PHE A 144 1.26 -18.65 26.72
N ARG A 145 1.13 -18.46 25.42
CA ARG A 145 1.24 -17.12 24.86
C ARG A 145 -0.03 -16.31 25.24
N GLY A 146 0.13 -15.01 25.52
CA GLY A 146 -0.95 -14.05 25.53
C GLY A 146 -1.25 -13.69 24.08
N ASP A 147 -2.04 -14.55 23.44
CA ASP A 147 -2.25 -14.54 22.00
C ASP A 147 -3.71 -14.39 21.65
N ASN A 148 -4.49 -13.85 22.58
CA ASN A 148 -5.90 -13.60 22.33
C ASN A 148 -6.70 -14.84 22.12
N GLY A 149 -6.25 -15.95 22.70
CA GLY A 149 -7.02 -17.17 22.68
C GLY A 149 -6.99 -17.88 24.02
N TRP A 150 -7.92 -18.81 24.16
CA TRP A 150 -8.02 -19.69 25.32
C TRP A 150 -7.04 -20.86 25.26
N HIS A 151 -6.49 -21.21 26.42
CA HIS A 151 -5.64 -22.38 26.58
C HIS A 151 -6.02 -23.13 27.83
N SER A 152 -6.09 -24.44 27.73
CA SER A 152 -6.45 -25.33 28.81
CA SER A 152 -6.40 -25.29 28.85
C SER A 152 -5.31 -26.32 29.09
N ARG A 153 -5.21 -26.76 30.32
CA ARG A 153 -4.35 -27.88 30.67
CA ARG A 153 -4.38 -27.93 30.64
C ARG A 153 -4.79 -28.55 31.95
N GLY A 154 -4.64 -29.87 32.02
CA GLY A 154 -4.72 -30.55 33.29
C GLY A 154 -3.58 -30.13 34.22
N LEU A 155 -3.89 -29.95 35.50
CA LEU A 155 -2.95 -29.51 36.50
C LEU A 155 -2.45 -30.67 37.38
N GLY A 156 -3.01 -31.85 37.21
CA GLY A 156 -2.88 -32.88 38.24
C GLY A 156 -3.71 -32.53 39.47
N TYR A 157 -3.64 -33.35 40.51
CA TYR A 157 -4.32 -33.06 41.78
C TYR A 157 -5.84 -32.90 41.64
N GLY A 158 -6.40 -33.55 40.63
CA GLY A 158 -7.83 -33.46 40.36
C GLY A 158 -8.33 -32.16 39.79
N LEU A 159 -7.40 -31.34 39.27
CA LEU A 159 -7.71 -30.01 38.78
C LEU A 159 -7.32 -29.77 37.33
N LYS A 160 -7.98 -28.77 36.73
CA LYS A 160 -7.60 -28.31 35.43
C LYS A 160 -7.76 -26.81 35.39
N SER A 161 -7.08 -26.22 34.42
CA SER A 161 -7.02 -24.77 34.21
CA SER A 161 -7.15 -24.79 34.23
C SER A 161 -7.47 -24.40 32.81
N ARG A 162 -8.13 -23.26 32.67
CA ARG A 162 -8.47 -22.71 31.39
C ARG A 162 -8.25 -21.22 31.54
N GLY A 163 -7.53 -20.61 30.61
CA GLY A 163 -7.29 -19.17 30.68
C GLY A 163 -7.12 -18.49 29.36
N PHE A 164 -7.16 -17.15 29.43
CA PHE A 164 -7.11 -16.28 28.30
C PHE A 164 -6.31 -15.05 28.68
N MET A 165 -5.37 -14.68 27.81
CA MET A 165 -4.69 -13.42 27.93
C MET A 165 -4.61 -12.74 26.57
N ASN A 166 -4.81 -11.43 26.55
CA ASN A 166 -4.64 -10.72 25.32
C ASN A 166 -3.18 -10.44 25.06
N SER A 167 -2.92 -9.79 23.93
CA SER A 167 -1.53 -9.62 23.46
C SER A 167 -0.87 -8.24 23.70
N SER A 168 -1.63 -7.28 24.24
CA SER A 168 -1.11 -5.95 24.31
CA SER A 168 -1.24 -5.88 24.37
C SER A 168 -0.58 -5.57 25.69
N GLY A 169 0.00 -4.38 25.78
CA GLY A 169 0.64 -3.96 27.03
C GLY A 169 -0.30 -3.51 28.12
N HIS A 170 -1.61 -3.47 27.84
CA HIS A 170 -2.67 -3.33 28.86
C HIS A 170 -3.32 -4.68 28.80
N ALA A 171 -2.87 -5.53 29.70
CA ALA A 171 -3.15 -6.97 29.62
C ALA A 171 -4.29 -7.37 30.55
N ILE A 172 -5.18 -8.24 30.05
CA ILE A 172 -6.16 -8.94 30.86
C ILE A 172 -5.77 -10.40 30.88
N LEU A 173 -5.89 -11.02 32.04
CA LEU A 173 -5.59 -12.46 32.23
C LEU A 173 -6.71 -13.04 33.07
N GLU A 174 -7.51 -13.85 32.42
CA GLU A 174 -8.71 -14.50 33.01
C GLU A 174 -8.44 -15.99 33.10
N ILE A 175 -8.43 -16.54 34.31
CA ILE A 175 -8.13 -17.95 34.54
C ILE A 175 -9.23 -18.60 35.37
N HIS A 176 -9.61 -19.82 34.99
CA HIS A 176 -10.61 -20.63 35.72
C HIS A 176 -9.92 -21.90 36.13
N VAL A 177 -9.96 -22.20 37.43
CA VAL A 177 -9.48 -23.47 37.96
C VAL A 177 -10.69 -24.32 38.37
N THR A 178 -10.84 -25.48 37.73
CA THR A 178 -12.00 -26.35 37.92
C THR A 178 -11.55 -27.76 38.27
N LYS A 179 -12.51 -28.56 38.70
CA LYS A 179 -12.27 -29.97 38.89
C LYS A 179 -12.12 -30.67 37.56
N ALA A 180 -11.14 -31.54 37.46
CA ALA A 180 -10.85 -32.27 36.25
C ALA A 180 -11.89 -33.36 36.05
N ASP B 4 -1.74 -5.69 11.00
CA ASP B 4 -3.00 -4.99 10.65
C ASP B 4 -4.25 -5.74 11.16
N VAL B 5 -4.32 -5.77 12.48
CA VAL B 5 -5.35 -6.50 13.17
C VAL B 5 -5.95 -5.56 14.23
N ALA B 6 -7.16 -5.89 14.66
CA ALA B 6 -7.77 -5.18 15.75
C ALA B 6 -6.81 -5.18 16.94
N GLY B 7 -6.74 -4.02 17.60
CA GLY B 7 -5.90 -3.77 18.73
C GLY B 7 -4.58 -3.14 18.39
N ALA B 8 -4.23 -3.14 17.10
CA ALA B 8 -3.00 -2.51 16.62
C ALA B 8 -3.17 -1.03 16.29
N VAL B 9 -2.04 -0.34 16.23
CA VAL B 9 -1.91 1.03 15.72
C VAL B 9 -1.10 0.93 14.43
N ILE B 10 -1.61 1.54 13.37
CA ILE B 10 -1.00 1.45 12.04
C ILE B 10 -0.74 2.85 11.49
N ASP B 11 0.05 2.94 10.43
CA ASP B 11 0.21 4.22 9.74
CA ASP B 11 0.22 4.20 9.73
C ASP B 11 -1.16 4.68 9.26
N GLY B 12 -1.44 5.98 9.42
CA GLY B 12 -2.74 6.55 9.09
C GLY B 12 -3.18 6.24 7.67
N ALA B 13 -2.22 6.29 6.73
CA ALA B 13 -2.55 6.03 5.34
C ALA B 13 -3.01 4.59 5.07
N GLY B 14 -2.74 3.67 6.00
CA GLY B 14 -3.18 2.30 5.92
C GLY B 14 -4.64 2.06 6.31
N LEU B 15 -5.30 3.08 6.86
CA LEU B 15 -6.71 2.90 7.20
C LEU B 15 -7.60 3.07 5.97
N GLY B 16 -8.43 2.07 5.74
CA GLY B 16 -9.43 2.11 4.68
C GLY B 16 -10.37 0.93 4.79
N PHE B 17 -11.24 0.80 3.80
CA PHE B 17 -12.20 -0.29 3.78
C PHE B 17 -11.56 -1.66 3.79
N ASP B 18 -10.45 -1.85 3.05
CA ASP B 18 -9.87 -3.19 2.97
C ASP B 18 -9.45 -3.70 4.35
N VAL B 19 -8.72 -2.88 5.11
CA VAL B 19 -8.25 -3.34 6.42
C VAL B 19 -9.43 -3.56 7.37
N LEU B 20 -10.44 -2.70 7.29
CA LEU B 20 -11.63 -2.87 8.14
C LEU B 20 -12.41 -4.15 7.80
N LYS B 21 -12.49 -4.49 6.50
CA LYS B 21 -13.14 -5.75 6.11
C LYS B 21 -12.36 -6.96 6.63
N THR B 22 -11.04 -6.85 6.62
CA THR B 22 -10.19 -7.92 7.15
C THR B 22 -10.46 -8.12 8.64
N VAL B 23 -10.48 -7.04 9.37
CA VAL B 23 -10.84 -7.08 10.80
C VAL B 23 -12.23 -7.69 11.04
N LEU B 24 -13.23 -7.26 10.26
CA LEU B 24 -14.53 -7.83 10.38
C LEU B 24 -14.54 -9.33 10.11
N GLU B 25 -13.84 -9.77 9.07
CA GLU B 25 -13.80 -11.18 8.71
C GLU B 25 -13.14 -12.02 9.82
N ALA B 26 -12.16 -11.45 10.53
CA ALA B 26 -11.43 -12.24 11.52
C ALA B 26 -12.29 -12.59 12.73
N LEU B 27 -13.39 -11.88 12.90
CA LEU B 27 -14.37 -12.21 13.97
C LEU B 27 -15.22 -13.45 13.71
N GLY B 28 -15.19 -13.96 12.48
CA GLY B 28 -16.03 -15.10 12.14
C GLY B 28 -17.51 -14.80 12.06
N ASN B 29 -18.31 -15.87 12.00
CA ASN B 29 -19.71 -15.74 11.68
C ASN B 29 -20.55 -15.45 12.91
N VAL B 30 -20.28 -14.32 13.55
CA VAL B 30 -21.12 -13.82 14.62
C VAL B 30 -22.13 -12.88 14.00
N LYS B 31 -23.30 -12.78 14.62
CA LYS B 31 -24.41 -12.18 13.91
C LYS B 31 -24.34 -10.68 13.78
N ARG B 32 -23.82 -10.01 14.82
CA ARG B 32 -23.63 -8.56 14.78
C ARG B 32 -22.24 -8.29 15.24
N LYS B 33 -21.55 -7.44 14.49
CA LYS B 33 -20.13 -7.20 14.73
C LYS B 33 -19.75 -5.90 14.01
N ILE B 34 -18.67 -5.29 14.49
CA ILE B 34 -18.19 -4.05 13.91
C ILE B 34 -16.66 -4.01 13.92
N ALA B 35 -16.10 -3.45 12.85
CA ALA B 35 -14.69 -3.09 12.74
C ALA B 35 -14.59 -1.59 12.73
N VAL B 36 -13.82 -1.03 13.66
CA VAL B 36 -13.66 0.39 13.80
C VAL B 36 -12.21 0.77 13.56
N GLY B 37 -12.03 1.82 12.76
CA GLY B 37 -10.76 2.42 12.55
C GLY B 37 -10.82 3.92 12.66
N ILE B 38 -9.89 4.47 13.43
CA ILE B 38 -9.88 5.90 13.69
C ILE B 38 -8.47 6.40 13.40
N ASP B 39 -8.40 7.34 12.46
CA ASP B 39 -7.09 7.93 12.01
C ASP B 39 -6.89 9.25 12.71
N ASN B 40 -5.79 9.33 13.46
CA ASN B 40 -5.43 10.54 14.17
C ASN B 40 -4.52 11.40 13.32
N GLU B 41 -5.09 12.45 12.74
CA GLU B 41 -4.30 13.48 12.06
C GLU B 41 -4.58 14.82 12.75
N SER B 42 -4.78 14.75 14.07
CA SER B 42 -5.23 15.89 14.87
C SER B 42 -4.13 16.81 15.35
N GLY B 43 -2.88 16.38 15.20
CA GLY B 43 -1.74 17.11 15.78
C GLY B 43 -1.56 16.90 17.26
N LYS B 44 -2.36 16.02 17.87
CA LYS B 44 -2.33 15.73 19.32
C LYS B 44 -2.19 14.23 19.48
N THR B 45 -1.43 13.77 20.46
CA THR B 45 -1.37 12.34 20.80
C THR B 45 -2.63 11.99 21.55
N TRP B 46 -3.14 10.79 21.26
CA TRP B 46 -4.31 10.25 21.97
C TRP B 46 -3.88 9.06 22.83
N THR B 47 -4.50 8.96 24.01
CA THR B 47 -4.24 7.87 24.93
C THR B 47 -5.60 7.25 25.30
N ALA B 48 -5.69 5.92 25.22
CA ALA B 48 -6.95 5.24 25.51
C ALA B 48 -7.49 5.59 26.88
N MET B 49 -8.81 5.77 26.95
CA MET B 49 -9.55 5.84 28.20
C MET B 49 -10.28 4.55 28.44
N ASN B 50 -11.33 4.26 27.65
CA ASN B 50 -12.15 3.08 27.85
C ASN B 50 -13.21 3.00 26.76
N THR B 51 -13.86 1.85 26.66
CA THR B 51 -15.06 1.69 25.81
C THR B 51 -16.23 1.30 26.68
N TYR B 52 -17.29 2.07 26.57
CA TYR B 52 -18.57 1.69 27.16
C TYR B 52 -19.35 0.87 26.17
N PHE B 53 -19.83 -0.31 26.59
CA PHE B 53 -20.77 -1.10 25.80
C PHE B 53 -22.16 -1.10 26.42
N ARG B 54 -23.11 -0.47 25.73
CA ARG B 54 -24.53 -0.59 26.04
C ARG B 54 -24.97 -2.01 25.74
N SER B 55 -24.51 -2.51 24.60
CA SER B 55 -24.75 -3.88 24.14
CA SER B 55 -24.69 -3.91 24.27
C SER B 55 -23.49 -4.37 23.47
N GLY B 56 -23.11 -5.62 23.70
CA GLY B 56 -21.96 -6.15 23.04
C GLY B 56 -20.72 -6.16 23.91
N THR B 57 -19.63 -6.54 23.27
CA THR B 57 -18.36 -6.77 23.92
C THR B 57 -17.25 -6.65 22.91
N SER B 58 -16.02 -6.67 23.42
CA SER B 58 -14.87 -6.88 22.59
C SER B 58 -13.86 -7.71 23.40
N ASP B 59 -13.13 -8.56 22.71
CA ASP B 59 -12.00 -9.30 23.29
C ASP B 59 -10.73 -8.42 23.29
N ILE B 60 -10.77 -7.30 22.57
CA ILE B 60 -9.63 -6.38 22.34
C ILE B 60 -9.63 -5.33 23.43
N VAL B 61 -8.46 -4.99 23.96
CA VAL B 61 -8.32 -3.82 24.83
C VAL B 61 -7.95 -2.65 23.87
N LEU B 62 -8.51 -1.46 24.09
CA LEU B 62 -8.15 -0.32 23.25
C LEU B 62 -6.65 -0.13 23.17
N PRO B 63 -6.13 0.13 21.96
CA PRO B 63 -4.71 0.48 21.83
C PRO B 63 -4.37 1.71 22.67
N HIS B 64 -3.29 1.62 23.43
CA HIS B 64 -2.96 2.62 24.43
C HIS B 64 -2.65 4.00 23.85
N LYS B 65 -1.75 4.01 22.87
CA LYS B 65 -1.16 5.26 22.42
C LYS B 65 -1.31 5.38 20.93
N VAL B 66 -1.91 6.51 20.50
CA VAL B 66 -2.14 6.78 19.08
C VAL B 66 -1.60 8.19 18.77
N ALA B 67 -0.37 8.23 18.26
CA ALA B 67 0.25 9.47 17.90
C ALA B 67 -0.34 10.06 16.63
N HIS B 68 -0.09 11.34 16.43
CA HIS B 68 -0.43 11.97 15.17
C HIS B 68 0.20 11.20 14.02
N GLY B 69 -0.59 10.95 12.99
CA GLY B 69 -0.18 10.19 11.82
C GLY B 69 -0.44 8.69 11.89
N LYS B 70 -1.10 8.26 12.97
CA LYS B 70 -1.38 6.85 13.22
C LYS B 70 -2.87 6.65 13.31
N ALA B 71 -3.30 5.44 12.98
CA ALA B 71 -4.69 5.04 13.11
C ALA B 71 -4.76 3.83 14.01
N LEU B 72 -5.84 3.78 14.78
CA LEU B 72 -6.11 2.64 15.64
C LEU B 72 -7.15 1.76 14.96
N LEU B 73 -7.00 0.46 15.20
CA LEU B 73 -7.96 -0.53 14.77
C LEU B 73 -8.58 -1.20 16.00
N TYR B 74 -9.88 -1.49 15.93
CA TYR B 74 -10.64 -2.01 17.04
C TYR B 74 -11.80 -2.78 16.50
N ASN B 75 -12.46 -3.55 17.38
CA ASN B 75 -13.63 -4.30 16.96
C ASN B 75 -14.59 -4.46 18.10
N GLY B 76 -15.79 -4.92 17.76
CA GLY B 76 -16.79 -5.28 18.74
C GLY B 76 -17.72 -6.32 18.15
N GLN B 77 -18.43 -7.00 19.03
CA GLN B 77 -19.35 -8.04 18.62
C GLN B 77 -20.45 -8.15 19.62
N LYS B 78 -21.58 -8.73 19.21
CA LYS B 78 -22.67 -8.91 20.16
C LYS B 78 -22.26 -9.84 21.32
N ASN B 79 -22.96 -9.68 22.43
CA ASN B 79 -22.78 -10.61 23.52
C ASN B 79 -23.11 -12.00 22.98
N ARG B 80 -22.32 -12.97 23.41
CA ARG B 80 -22.46 -14.33 22.91
C ARG B 80 -23.67 -15.00 23.53
N GLY B 81 -24.26 -15.90 22.76
CA GLY B 81 -25.41 -16.63 23.24
C GLY B 81 -26.74 -16.09 22.76
N PRO B 82 -27.84 -16.64 23.30
CA PRO B 82 -29.16 -16.38 22.75
C PRO B 82 -29.75 -15.08 23.31
N VAL B 83 -29.04 -14.00 23.07
CA VAL B 83 -29.50 -12.65 23.44
CA VAL B 83 -29.50 -12.67 23.45
C VAL B 83 -29.64 -11.86 22.17
N ALA B 84 -30.83 -11.30 21.97
CA ALA B 84 -31.17 -10.58 20.75
C ALA B 84 -30.78 -9.09 20.83
N THR B 85 -29.49 -8.85 20.92
CA THR B 85 -28.94 -7.52 21.07
C THR B 85 -27.76 -7.38 20.13
N GLY B 86 -27.40 -6.13 19.88
CA GLY B 86 -26.36 -5.80 18.93
C GLY B 86 -25.04 -5.37 19.54
N VAL B 87 -24.42 -4.37 18.91
CA VAL B 87 -23.12 -3.85 19.33
CA VAL B 87 -23.16 -3.86 19.42
C VAL B 87 -23.25 -2.34 19.37
N VAL B 88 -23.32 -1.79 20.58
CA VAL B 88 -23.65 -0.40 20.74
C VAL B 88 -22.81 0.14 21.89
N GLY B 89 -22.07 1.19 21.60
CA GLY B 89 -21.20 1.77 22.63
C GLY B 89 -20.50 3.01 22.25
N VAL B 90 -19.56 3.40 23.12
CA VAL B 90 -18.80 4.65 22.97
C VAL B 90 -17.36 4.39 23.34
N ILE B 91 -16.46 4.74 22.42
CA ILE B 91 -15.00 4.74 22.64
C ILE B 91 -14.59 6.14 23.10
N ALA B 92 -13.72 6.19 24.12
CA ALA B 92 -13.11 7.45 24.57
C ALA B 92 -11.59 7.38 24.61
N TYR B 93 -10.98 8.40 24.04
CA TYR B 93 -9.55 8.65 24.08
C TYR B 93 -9.28 10.01 24.65
N SER B 94 -8.30 10.11 25.53
CA SER B 94 -7.86 11.41 25.96
CA SER B 94 -7.82 11.37 26.00
C SER B 94 -6.85 11.95 24.96
N MET B 95 -6.88 13.26 24.76
CA MET B 95 -5.92 13.93 23.89
C MET B 95 -4.94 14.68 24.78
N SER B 96 -3.78 14.97 24.22
CA SER B 96 -2.67 15.59 24.96
C SER B 96 -2.97 17.00 25.42
N ASP B 97 -4.07 17.59 24.95
CA ASP B 97 -4.50 18.91 25.39
C ASP B 97 -5.50 18.85 26.51
N GLY B 98 -5.75 17.65 27.04
CA GLY B 98 -6.67 17.51 28.16
C GLY B 98 -8.13 17.40 27.80
N ASN B 99 -8.42 17.24 26.51
CA ASN B 99 -9.79 16.97 26.07
C ASN B 99 -9.97 15.53 25.69
N THR B 100 -11.20 15.15 25.39
CA THR B 100 -11.56 13.74 25.13
C THR B 100 -12.22 13.62 23.77
N LEU B 101 -11.70 12.72 22.95
CA LEU B 101 -12.34 12.31 21.71
C LEU B 101 -13.28 11.14 22.01
N ALA B 102 -14.54 11.28 21.63
CA ALA B 102 -15.53 10.26 21.84
C ALA B 102 -16.16 9.81 20.51
N VAL B 103 -16.32 8.50 20.35
CA VAL B 103 -16.93 7.93 19.16
C VAL B 103 -18.04 6.96 19.56
N LEU B 104 -19.24 7.27 19.10
CA LEU B 104 -20.41 6.41 19.23
C LEU B 104 -20.53 5.45 18.04
N PHE B 105 -20.86 4.20 18.34
CA PHE B 105 -21.25 3.24 17.32
C PHE B 105 -22.52 2.56 17.77
N SER B 106 -23.41 2.27 16.83
CA SER B 106 -24.63 1.58 17.15
C SER B 106 -25.05 0.69 16.01
N VAL B 107 -24.99 -0.60 16.29
CA VAL B 107 -25.32 -1.65 15.33
C VAL B 107 -26.43 -2.50 16.00
N PRO B 108 -27.68 -2.31 15.61
CA PRO B 108 -28.77 -2.94 16.34
C PRO B 108 -28.97 -4.40 15.99
N TYR B 109 -29.73 -5.09 16.83
CA TYR B 109 -30.13 -6.45 16.49
C TYR B 109 -31.17 -6.46 15.36
N ASP B 110 -32.23 -5.68 15.53
CA ASP B 110 -33.41 -5.82 14.69
C ASP B 110 -33.56 -4.71 13.66
N TYR B 111 -33.15 -5.00 12.40
CA TYR B 111 -33.26 -3.99 11.36
C TYR B 111 -34.65 -3.77 10.81
N ASN B 112 -35.63 -4.53 11.30
CA ASN B 112 -37.00 -4.17 10.97
C ASN B 112 -37.45 -2.88 11.64
N TRP B 113 -36.78 -2.51 12.75
CA TRP B 113 -37.16 -1.39 13.59
C TRP B 113 -36.10 -0.29 13.72
N TYR B 114 -34.82 -0.70 13.62
CA TYR B 114 -33.66 0.16 13.89
C TYR B 114 -32.64 0.08 12.77
N SER B 115 -31.73 1.05 12.78
CA SER B 115 -30.67 1.19 11.77
CA SER B 115 -30.64 1.06 11.81
C SER B 115 -29.33 1.52 12.44
N ASN B 116 -28.26 1.43 11.65
CA ASN B 116 -26.91 1.81 12.15
C ASN B 116 -26.77 3.32 12.35
N TRP B 117 -26.09 3.71 13.41
CA TRP B 117 -25.74 5.11 13.68
C TRP B 117 -24.30 5.17 14.21
N TRP B 118 -23.69 6.33 14.05
CA TRP B 118 -22.41 6.64 14.68
C TRP B 118 -22.32 8.15 14.99
N ASN B 119 -21.31 8.53 15.77
CA ASN B 119 -21.09 9.93 16.05
C ASN B 119 -19.68 10.12 16.53
N VAL B 120 -19.24 11.37 16.49
CA VAL B 120 -17.93 11.78 16.99
CA VAL B 120 -17.96 11.75 16.99
C VAL B 120 -18.08 13.14 17.64
N ARG B 121 -17.41 13.32 18.77
CA ARG B 121 -17.43 14.58 19.51
C ARG B 121 -16.16 14.74 20.29
N VAL B 122 -15.76 15.99 20.53
CA VAL B 122 -14.72 16.32 21.50
C VAL B 122 -15.38 16.95 22.74
N TYR B 123 -15.05 16.40 23.90
CA TYR B 123 -15.47 16.87 25.20
C TYR B 123 -14.35 17.59 25.90
N LYS B 124 -14.72 18.56 26.75
CA LYS B 124 -13.76 19.24 27.62
C LYS B 124 -13.34 18.34 28.76
N GLY B 125 -12.02 18.26 29.00
CA GLY B 125 -11.52 17.48 30.10
C GLY B 125 -11.39 16.03 29.72
N GLN B 126 -11.02 15.23 30.72
CA GLN B 126 -10.76 13.82 30.58
C GLN B 126 -11.98 13.05 31.09
N LYS B 127 -12.82 12.61 30.14
CA LYS B 127 -14.14 12.07 30.40
C LYS B 127 -14.27 10.64 29.91
N ARG B 128 -14.50 9.71 30.83
CA ARG B 128 -14.63 8.32 30.44
C ARG B 128 -15.95 8.10 29.71
N ALA B 129 -15.93 7.12 28.83
CA ALA B 129 -17.17 6.72 28.16
C ALA B 129 -18.08 6.02 29.15
N ASP B 130 -19.38 6.29 29.09
CA ASP B 130 -20.37 5.72 29.99
C ASP B 130 -21.76 5.86 29.39
N GLN B 131 -22.76 5.37 30.12
CA GLN B 131 -24.15 5.42 29.68
C GLN B 131 -24.57 6.87 29.41
N ARG B 132 -24.18 7.79 30.31
CA ARG B 132 -24.56 9.20 30.10
C ARG B 132 -24.00 9.79 28.80
N MET B 133 -22.77 9.43 28.48
CA MET B 133 -22.16 9.90 27.22
C MET B 133 -22.85 9.27 26.00
N TYR B 134 -23.22 8.01 26.10
CA TYR B 134 -24.00 7.36 25.05
C TYR B 134 -25.30 8.17 24.83
N GLU B 135 -26.01 8.49 25.92
CA GLU B 135 -27.29 9.17 25.80
C GLU B 135 -27.10 10.51 25.11
N GLU B 136 -26.02 11.25 25.46
CA GLU B 136 -25.73 12.51 24.81
C GLU B 136 -25.48 12.34 23.32
N LEU B 137 -24.57 11.44 22.98
CA LEU B 137 -24.14 11.27 21.60
C LEU B 137 -25.24 10.75 20.68
N TYR B 138 -26.11 9.89 21.23
CA TYR B 138 -27.19 9.30 20.48
C TYR B 138 -28.39 10.25 20.36
N TYR B 139 -28.85 10.76 21.50
CA TYR B 139 -30.11 11.51 21.51
C TYR B 139 -29.97 13.03 21.30
N HIS B 140 -28.77 13.60 21.50
CA HIS B 140 -28.63 15.06 21.54
C HIS B 140 -27.62 15.72 20.65
N ARG B 141 -26.70 14.95 20.11
CA ARG B 141 -25.58 15.51 19.38
C ARG B 141 -25.56 15.13 17.90
N SER B 142 -26.75 14.96 17.33
CA SER B 142 -26.89 14.82 15.89
C SER B 142 -26.04 13.70 15.27
N PRO B 143 -26.29 12.44 15.73
CA PRO B 143 -25.53 11.34 15.13
C PRO B 143 -25.79 11.17 13.64
N PHE B 144 -24.83 10.54 12.99
CA PHE B 144 -24.89 10.21 11.58
C PHE B 144 -25.46 8.82 11.36
N ARG B 145 -26.21 8.66 10.29
CA ARG B 145 -26.66 7.33 9.89
C ARG B 145 -25.53 6.49 9.30
N GLY B 146 -25.49 5.19 9.59
CA GLY B 146 -24.66 4.27 8.82
C GLY B 146 -25.43 3.97 7.54
N ASP B 147 -25.25 4.87 6.57
CA ASP B 147 -26.06 4.89 5.37
C ASP B 147 -25.21 4.64 4.12
N ASN B 148 -24.03 4.06 4.31
CA ASN B 148 -23.11 3.80 3.19
C ASN B 148 -22.62 5.08 2.51
N GLY B 149 -22.64 6.18 3.25
CA GLY B 149 -22.17 7.47 2.78
C GLY B 149 -21.20 8.10 3.78
N TRP B 150 -20.47 9.09 3.30
CA TRP B 150 -19.52 9.84 4.09
C TRP B 150 -20.18 11.06 4.68
N HIS B 151 -19.74 11.43 5.88
CA HIS B 151 -20.24 12.61 6.59
C HIS B 151 -19.05 13.32 7.18
N SER B 152 -19.01 14.62 6.97
CA SER B 152 -17.92 15.47 7.50
C SER B 152 -18.53 16.59 8.33
N ARG B 153 -17.88 16.92 9.43
CA ARG B 153 -18.34 17.94 10.35
C ARG B 153 -17.23 18.46 11.24
N GLY B 154 -17.27 19.77 11.53
CA GLY B 154 -16.34 20.35 12.49
C GLY B 154 -16.56 19.78 13.90
N LEU B 155 -15.50 19.75 14.69
CA LEU B 155 -15.55 19.27 16.07
C LEU B 155 -15.30 20.36 17.11
N GLY B 156 -15.06 21.59 16.67
CA GLY B 156 -14.49 22.55 17.56
C GLY B 156 -13.04 22.21 17.85
N TYR B 157 -12.44 23.03 18.72
CA TYR B 157 -11.07 22.79 19.16
C TYR B 157 -10.08 22.73 18.00
N GLY B 158 -10.41 23.38 16.88
CA GLY B 158 -9.58 23.36 15.71
C GLY B 158 -9.53 22.04 14.95
N LEU B 159 -10.50 21.17 15.17
CA LEU B 159 -10.53 19.87 14.54
C LEU B 159 -11.80 19.66 13.73
N LYS B 160 -11.74 18.70 12.82
CA LYS B 160 -12.91 18.24 12.10
C LYS B 160 -12.84 16.73 11.88
N SER B 161 -13.98 16.13 11.51
CA SER B 161 -14.07 14.67 11.29
CA SER B 161 -14.01 14.69 11.26
C SER B 161 -14.64 14.40 9.92
N ARG B 162 -14.22 13.29 9.35
CA ARG B 162 -14.78 12.67 8.14
C ARG B 162 -14.97 11.21 8.50
N GLY B 163 -16.16 10.67 8.24
CA GLY B 163 -16.42 9.28 8.59
C GLY B 163 -17.40 8.60 7.69
N PHE B 164 -17.37 7.27 7.74
CA PHE B 164 -18.19 6.39 6.92
C PHE B 164 -18.62 5.20 7.74
N MET B 165 -19.91 4.85 7.69
CA MET B 165 -20.37 3.58 8.24
C MET B 165 -21.33 2.93 7.25
N ASN B 166 -21.22 1.63 7.04
CA ASN B 166 -22.18 0.93 6.22
C ASN B 166 -23.46 0.65 6.97
N SER B 167 -24.43 0.03 6.30
CA SER B 167 -25.75 -0.15 6.86
C SER B 167 -26.06 -1.55 7.42
N SER B 168 -25.10 -2.45 7.26
CA SER B 168 -25.25 -3.86 7.60
C SER B 168 -24.99 -4.16 9.05
N GLY B 169 -25.43 -5.33 9.48
CA GLY B 169 -25.11 -5.89 10.77
C GLY B 169 -23.68 -6.35 10.94
N HIS B 170 -22.97 -6.47 9.82
CA HIS B 170 -21.51 -6.67 9.82
C HIS B 170 -20.94 -5.33 9.41
N ALA B 171 -20.68 -4.50 10.40
CA ALA B 171 -20.49 -3.06 10.18
C ALA B 171 -19.02 -2.69 10.13
N ILE B 172 -18.73 -1.71 9.31
CA ILE B 172 -17.44 -1.01 9.32
C ILE B 172 -17.72 0.45 9.65
N LEU B 173 -16.79 1.01 10.38
CA LEU B 173 -16.80 2.40 10.74
C LEU B 173 -15.39 2.95 10.60
N GLU B 174 -15.24 3.90 9.68
CA GLU B 174 -13.96 4.49 9.34
C GLU B 174 -14.03 5.99 9.62
N ILE B 175 -13.19 6.49 10.50
CA ILE B 175 -13.22 7.90 10.91
C ILE B 175 -11.80 8.48 10.81
N HIS B 176 -11.73 9.72 10.31
CA HIS B 176 -10.50 10.50 10.27
C HIS B 176 -10.70 11.82 10.98
N VAL B 177 -9.78 12.13 11.89
CA VAL B 177 -9.80 13.37 12.63
C VAL B 177 -8.63 14.21 12.17
N THR B 178 -8.96 15.39 11.63
CA THR B 178 -7.96 16.28 11.03
C THR B 178 -8.05 17.68 11.63
N LYS B 179 -7.03 18.50 11.37
CA LYS B 179 -7.10 19.91 11.72
C LYS B 179 -8.09 20.62 10.78
N ALA B 180 -8.88 21.51 11.34
CA ALA B 180 -9.87 22.28 10.59
C ALA B 180 -9.18 23.40 9.81
N ASP C 4 9.06 -5.62 -13.74
CA ASP C 4 8.88 -4.53 -14.75
C ASP C 4 7.85 -4.99 -15.78
N VAL C 5 6.70 -5.40 -15.27
CA VAL C 5 5.63 -5.83 -16.11
C VAL C 5 4.38 -5.05 -15.78
N ALA C 6 3.56 -4.83 -16.81
CA ALA C 6 2.28 -4.22 -16.63
C ALA C 6 1.47 -5.07 -15.63
N GLY C 7 0.85 -4.36 -14.68
CA GLY C 7 0.11 -4.96 -13.61
C GLY C 7 0.98 -4.99 -12.36
N ALA C 8 2.29 -4.72 -12.51
CA ALA C 8 3.20 -4.71 -11.37
C ALA C 8 3.22 -3.36 -10.69
N VAL C 9 3.64 -3.40 -9.43
CA VAL C 9 4.06 -2.25 -8.68
C VAL C 9 5.58 -2.31 -8.57
N ILE C 10 6.25 -1.18 -8.80
CA ILE C 10 7.72 -1.03 -8.67
C ILE C 10 8.10 0.13 -7.73
N ASP C 11 9.34 0.15 -7.30
CA ASP C 11 9.84 1.30 -6.55
CA ASP C 11 9.89 1.30 -6.58
C ASP C 11 9.69 2.54 -7.44
N GLY C 12 9.12 3.59 -6.87
CA GLY C 12 8.81 4.84 -7.63
C GLY C 12 9.98 5.39 -8.43
N ALA C 13 11.18 5.36 -7.81
CA ALA C 13 12.39 5.92 -8.41
C ALA C 13 12.85 5.12 -9.62
N GLY C 14 12.32 3.91 -9.76
CA GLY C 14 12.64 3.03 -10.89
C GLY C 14 11.85 3.31 -12.15
N LEU C 15 10.76 4.03 -12.03
CA LEU C 15 9.96 4.42 -13.20
C LEU C 15 10.73 5.33 -14.14
N GLY C 16 10.75 4.96 -15.42
CA GLY C 16 11.33 5.79 -16.46
C GLY C 16 10.89 5.34 -17.83
N PHE C 17 11.34 6.08 -18.86
CA PHE C 17 10.93 5.74 -20.24
C PHE C 17 11.34 4.31 -20.61
N ASP C 18 12.50 3.86 -20.17
CA ASP C 18 12.94 2.52 -20.52
C ASP C 18 11.99 1.42 -20.03
N VAL C 19 11.46 1.57 -18.80
CA VAL C 19 10.53 0.62 -18.24
C VAL C 19 9.25 0.64 -19.07
N LEU C 20 8.81 1.84 -19.46
CA LEU C 20 7.60 1.96 -20.26
C LEU C 20 7.78 1.39 -21.67
N LYS C 21 8.98 1.55 -22.26
CA LYS C 21 9.22 0.89 -23.56
C LYS C 21 9.23 -0.63 -23.45
N THR C 22 9.73 -1.16 -22.34
CA THR C 22 9.65 -2.60 -22.09
C THR C 22 8.22 -3.06 -22.06
N VAL C 23 7.39 -2.30 -21.35
CA VAL C 23 5.95 -2.60 -21.36
C VAL C 23 5.35 -2.56 -22.78
N LEU C 24 5.64 -1.50 -23.54
CA LEU C 24 5.16 -1.44 -24.93
C LEU C 24 5.61 -2.63 -25.73
N GLU C 25 6.88 -3.02 -25.57
CA GLU C 25 7.45 -4.07 -26.39
C GLU C 25 6.74 -5.41 -26.14
N ALA C 26 6.32 -5.64 -24.89
CA ALA C 26 5.66 -6.91 -24.51
C ALA C 26 4.29 -7.10 -25.18
N LEU C 27 3.66 -6.01 -25.61
CA LEU C 27 2.37 -6.10 -26.29
C LEU C 27 2.47 -6.57 -27.73
N GLY C 28 3.67 -6.58 -28.27
CA GLY C 28 3.82 -7.03 -29.63
C GLY C 28 3.46 -6.02 -30.67
N ASN C 29 3.56 -6.35 -31.94
N ASN C 29 3.36 -6.61 -31.85
CA ASN C 29 3.56 -5.25 -32.95
CA ASN C 29 3.08 -5.98 -33.11
C ASN C 29 2.18 -4.82 -33.47
C ASN C 29 1.65 -5.56 -33.23
N VAL C 30 1.28 -4.51 -32.52
CA VAL C 30 -0.01 -3.97 -32.75
C VAL C 30 0.13 -2.47 -33.06
N LYS C 31 -0.86 -1.93 -33.75
CA LYS C 31 -0.75 -0.64 -34.38
C LYS C 31 -0.85 0.51 -33.38
N ARG C 32 -1.72 0.36 -32.38
CA ARG C 32 -1.89 1.41 -31.38
C ARG C 32 -1.88 0.79 -30.02
N LYS C 33 -1.04 1.33 -29.15
CA LYS C 33 -0.85 0.77 -27.82
C LYS C 33 -0.21 1.82 -26.90
N ILE C 34 -0.37 1.62 -25.60
CA ILE C 34 0.12 2.60 -24.61
C ILE C 34 0.69 1.83 -23.41
N ALA C 35 1.77 2.39 -22.85
CA ALA C 35 2.32 1.94 -21.57
C ALA C 35 2.23 3.13 -20.62
N VAL C 36 1.60 2.89 -19.48
CA VAL C 36 1.35 3.93 -18.48
C VAL C 36 2.09 3.59 -17.19
N GLY C 37 2.81 4.56 -16.65
CA GLY C 37 3.46 4.45 -15.36
C GLY C 37 3.07 5.63 -14.50
N ILE C 38 2.60 5.35 -13.28
CA ILE C 38 2.17 6.44 -12.39
C ILE C 38 2.89 6.25 -11.06
N ASP C 39 3.75 7.21 -10.72
CA ASP C 39 4.58 7.19 -9.49
C ASP C 39 3.81 7.90 -8.38
N ASN C 40 3.44 7.14 -7.35
CA ASN C 40 2.76 7.67 -6.20
C ASN C 40 3.75 8.20 -5.18
N GLU C 41 3.94 9.50 -5.13
CA GLU C 41 4.69 10.14 -4.04
C GLU C 41 3.80 11.14 -3.31
N SER C 42 2.51 10.77 -3.19
CA SER C 42 1.46 11.63 -2.69
C SER C 42 1.31 11.61 -1.18
N GLY C 43 1.91 10.64 -0.50
CA GLY C 43 1.67 10.42 0.95
C GLY C 43 0.39 9.66 1.27
N LYS C 44 -0.36 9.28 0.24
CA LYS C 44 -1.61 8.59 0.38
C LYS C 44 -1.46 7.18 -0.25
N THR C 45 -2.21 6.23 0.26
CA THR C 45 -2.28 4.92 -0.33
C THR C 45 -3.36 4.99 -1.39
N TRP C 46 -3.05 4.44 -2.56
CA TRP C 46 -4.05 4.29 -3.65
C TRP C 46 -4.57 2.88 -3.77
N THR C 47 -5.86 2.77 -4.03
CA THR C 47 -6.52 1.50 -4.24
C THR C 47 -7.28 1.57 -5.56
N ALA C 48 -7.05 0.59 -6.43
CA ALA C 48 -7.62 0.62 -7.76
C ALA C 48 -9.11 0.67 -7.68
N MET C 49 -9.70 1.53 -8.52
CA MET C 49 -11.14 1.49 -8.77
C MET C 49 -11.46 0.74 -10.04
N ASN C 50 -11.12 1.35 -11.18
CA ASN C 50 -11.42 0.77 -12.48
C ASN C 50 -10.74 1.56 -13.59
N THR C 51 -10.77 0.97 -14.79
CA THR C 51 -10.43 1.69 -16.02
C THR C 51 -11.64 1.68 -16.94
N TYR C 52 -11.99 2.86 -17.43
CA TYR C 52 -13.00 3.00 -18.45
C TYR C 52 -12.26 3.10 -19.80
N PHE C 53 -12.69 2.31 -20.78
CA PHE C 53 -12.19 2.43 -22.13
C PHE C 53 -13.25 2.99 -23.06
N ARG C 54 -12.97 4.14 -23.65
CA ARG C 54 -13.76 4.65 -24.74
CA ARG C 54 -13.76 4.65 -24.75
C ARG C 54 -13.50 3.78 -25.98
N SER C 55 -12.25 3.39 -26.16
CA SER C 55 -11.90 2.46 -27.24
CA SER C 55 -11.93 2.41 -27.18
C SER C 55 -10.64 1.72 -26.79
N GLY C 56 -10.53 0.45 -27.14
CA GLY C 56 -9.40 -0.34 -26.78
C GLY C 56 -9.63 -1.21 -25.58
N THR C 57 -8.57 -1.85 -25.14
CA THR C 57 -8.65 -2.87 -24.14
C THR C 57 -7.32 -3.00 -23.38
N SER C 58 -7.36 -3.74 -22.29
CA SER C 58 -6.19 -4.16 -21.60
C SER C 58 -6.48 -5.57 -21.11
N ASP C 59 -5.47 -6.42 -21.17
CA ASP C 59 -5.55 -7.76 -20.64
C ASP C 59 -4.99 -7.83 -19.23
N ILE C 60 -4.62 -6.66 -18.71
CA ILE C 60 -3.95 -6.42 -17.43
C ILE C 60 -5.00 -5.94 -16.43
N VAL C 61 -4.82 -6.32 -15.18
CA VAL C 61 -5.57 -5.81 -14.03
C VAL C 61 -4.81 -4.59 -13.46
N LEU C 62 -5.49 -3.47 -13.19
CA LEU C 62 -4.81 -2.39 -12.47
C LEU C 62 -4.23 -2.93 -11.17
N PRO C 63 -2.99 -2.56 -10.85
CA PRO C 63 -2.39 -2.90 -9.55
C PRO C 63 -3.33 -2.49 -8.42
N HIS C 64 -3.74 -3.43 -7.57
CA HIS C 64 -4.80 -3.16 -6.59
C HIS C 64 -4.39 -2.10 -5.57
N LYS C 65 -3.17 -2.21 -5.05
CA LYS C 65 -2.73 -1.35 -3.97
C LYS C 65 -1.41 -0.71 -4.35
N VAL C 66 -1.37 0.62 -4.32
CA VAL C 66 -0.13 1.36 -4.64
C VAL C 66 0.19 2.29 -3.49
N ALA C 67 1.13 1.86 -2.67
CA ALA C 67 1.57 2.67 -1.56
C ALA C 67 2.39 3.89 -1.99
N HIS C 68 2.48 4.86 -1.09
CA HIS C 68 3.45 5.95 -1.26
C HIS C 68 4.85 5.37 -1.46
N GLY C 69 5.56 5.87 -2.44
CA GLY C 69 6.89 5.41 -2.79
C GLY C 69 6.91 4.33 -3.85
N LYS C 70 5.72 3.93 -4.33
CA LYS C 70 5.58 2.94 -5.38
C LYS C 70 4.99 3.56 -6.67
N ALA C 71 5.42 2.99 -7.80
CA ALA C 71 4.84 3.32 -9.12
C ALA C 71 4.11 2.09 -9.65
N LEU C 72 2.96 2.33 -10.26
CA LEU C 72 2.19 1.29 -10.93
C LEU C 72 2.53 1.29 -12.40
N LEU C 73 2.51 0.11 -12.99
CA LEU C 73 2.62 -0.06 -14.42
C LEU C 73 1.32 -0.62 -15.01
N TYR C 74 0.94 -0.13 -16.19
CA TYR C 74 -0.31 -0.55 -16.82
C TYR C 74 -0.14 -0.43 -18.34
N ASN C 75 -1.06 -1.01 -19.09
CA ASN C 75 -1.00 -0.90 -20.55
C ASN C 75 -2.38 -0.98 -21.16
N GLY C 76 -2.46 -0.63 -22.44
CA GLY C 76 -3.69 -0.84 -23.21
C GLY C 76 -3.33 -0.90 -24.66
N GLN C 77 -4.28 -1.35 -25.46
CA GLN C 77 -4.05 -1.50 -26.89
C GLN C 77 -5.35 -1.32 -27.62
N LYS C 78 -5.29 -1.07 -28.92
CA LYS C 78 -6.52 -0.91 -29.68
C LYS C 78 -7.27 -2.22 -29.69
N ASN C 79 -8.57 -2.14 -29.91
CA ASN C 79 -9.35 -3.32 -30.15
C ASN C 79 -8.71 -4.08 -31.34
N ARG C 80 -8.63 -5.40 -31.24
CA ARG C 80 -8.00 -6.20 -32.29
C ARG C 80 -8.91 -6.23 -33.51
N GLY C 81 -8.30 -6.31 -34.68
CA GLY C 81 -9.08 -6.54 -35.90
C GLY C 81 -9.21 -5.26 -36.72
N PRO C 82 -10.02 -5.30 -37.76
CA PRO C 82 -10.21 -4.24 -38.77
C PRO C 82 -11.17 -3.16 -38.27
N VAL C 83 -10.75 -2.55 -37.20
CA VAL C 83 -11.41 -1.40 -36.61
C VAL C 83 -10.39 -0.29 -36.52
N ALA C 84 -10.73 0.85 -37.12
CA ALA C 84 -9.79 1.96 -37.24
C ALA C 84 -9.96 2.89 -36.02
N THR C 85 -9.59 2.37 -34.88
CA THR C 85 -9.75 3.07 -33.59
C THR C 85 -8.47 2.89 -32.80
N GLY C 86 -8.29 3.74 -31.82
CA GLY C 86 -7.04 3.75 -31.05
C GLY C 86 -7.25 3.20 -29.65
N VAL C 87 -6.61 3.83 -28.66
CA VAL C 87 -6.76 3.39 -27.29
C VAL C 87 -6.96 4.63 -26.42
N VAL C 88 -8.14 4.71 -25.80
CA VAL C 88 -8.55 5.92 -25.15
C VAL C 88 -9.33 5.51 -23.92
N GLY C 89 -8.95 6.05 -22.77
CA GLY C 89 -9.58 5.63 -21.53
C GLY C 89 -9.23 6.48 -20.36
N VAL C 90 -9.82 6.11 -19.24
CA VAL C 90 -9.57 6.82 -17.98
C VAL C 90 -9.34 5.78 -16.90
N ILE C 91 -8.26 5.97 -16.13
CA ILE C 91 -7.93 5.13 -14.97
C ILE C 91 -8.37 5.89 -13.71
N ALA C 92 -9.01 5.17 -12.78
CA ALA C 92 -9.37 5.77 -11.51
C ALA C 92 -8.83 4.95 -10.33
N TYR C 93 -8.16 5.68 -9.43
CA TYR C 93 -7.67 5.11 -8.18
C TYR C 93 -8.33 5.87 -7.04
N SER C 94 -8.81 5.12 -6.06
CA SER C 94 -9.26 5.70 -4.80
C SER C 94 -8.04 5.99 -3.95
N MET C 95 -7.99 7.16 -3.31
CA MET C 95 -6.89 7.51 -2.42
C MET C 95 -7.38 7.49 -0.96
N SER C 96 -6.46 7.25 -0.06
CA SER C 96 -6.84 7.15 1.35
C SER C 96 -7.34 8.45 2.00
N ASP C 97 -7.19 9.61 1.34
CA ASP C 97 -7.91 10.84 1.72
C ASP C 97 -9.40 10.92 1.35
N GLY C 98 -9.94 9.85 0.76
CA GLY C 98 -11.31 9.76 0.38
C GLY C 98 -11.59 10.31 -1.02
N ASN C 99 -10.56 10.71 -1.75
CA ASN C 99 -10.73 11.34 -3.06
C ASN C 99 -10.25 10.37 -4.14
N THR C 100 -10.34 10.79 -5.37
CA THR C 100 -10.06 9.91 -6.51
C THR C 100 -9.03 10.56 -7.41
N LEU C 101 -7.98 9.79 -7.76
CA LEU C 101 -7.03 10.21 -8.78
C LEU C 101 -7.49 9.64 -10.11
N ALA C 102 -7.67 10.54 -11.09
CA ALA C 102 -8.10 10.11 -12.41
C ALA C 102 -7.06 10.50 -13.44
N VAL C 103 -6.84 9.61 -14.38
CA VAL C 103 -5.86 9.80 -15.46
C VAL C 103 -6.48 9.43 -16.79
N LEU C 104 -6.52 10.41 -17.70
CA LEU C 104 -6.97 10.23 -19.06
C LEU C 104 -5.78 9.93 -19.95
N PHE C 105 -5.97 9.02 -20.89
CA PHE C 105 -5.05 8.82 -22.00
C PHE C 105 -5.86 8.69 -23.28
N SER C 106 -5.35 9.28 -24.34
CA SER C 106 -6.03 9.23 -25.63
C SER C 106 -4.98 9.14 -26.72
N VAL C 107 -4.97 8.00 -27.37
CA VAL C 107 -4.08 7.67 -28.48
C VAL C 107 -4.99 7.36 -29.67
N PRO C 108 -5.11 8.27 -30.61
CA PRO C 108 -6.07 8.08 -31.70
C PRO C 108 -5.59 7.16 -32.79
N TYR C 109 -6.53 6.73 -33.63
CA TYR C 109 -6.14 6.02 -34.84
C TYR C 109 -5.54 6.95 -35.90
N ASP C 110 -6.23 8.02 -36.23
CA ASP C 110 -5.87 8.84 -37.39
C ASP C 110 -5.11 10.11 -37.04
N TYR C 111 -3.79 10.04 -37.18
CA TYR C 111 -2.90 11.17 -36.95
C TYR C 111 -2.97 12.27 -38.01
N ASN C 112 -3.67 12.02 -39.12
CA ASN C 112 -3.92 13.12 -40.06
C ASN C 112 -4.80 14.19 -39.44
N TRP C 113 -5.62 13.80 -38.47
CA TRP C 113 -6.64 14.68 -37.93
C TRP C 113 -6.61 14.85 -36.44
N TYR C 114 -6.06 13.86 -35.72
CA TYR C 114 -6.09 13.87 -34.26
C TYR C 114 -4.67 13.65 -33.71
N SER C 115 -4.51 13.91 -32.42
CA SER C 115 -3.23 13.82 -31.71
CA SER C 115 -3.22 13.74 -31.74
C SER C 115 -3.40 13.13 -30.36
N ASN C 116 -2.28 12.77 -29.74
CA ASN C 116 -2.26 12.22 -28.41
C ASN C 116 -2.59 13.29 -27.35
N TRP C 117 -3.34 12.89 -26.33
CA TRP C 117 -3.66 13.72 -25.17
C TRP C 117 -3.60 12.89 -23.92
N TRP C 118 -3.42 13.59 -22.78
CA TRP C 118 -3.56 12.93 -21.46
C TRP C 118 -4.04 13.98 -20.48
N ASN C 119 -4.42 13.53 -19.31
CA ASN C 119 -4.83 14.45 -18.27
C ASN C 119 -4.74 13.76 -16.92
N VAL C 120 -4.65 14.60 -15.88
CA VAL C 120 -4.67 14.11 -14.49
CA VAL C 120 -4.66 14.11 -14.51
C VAL C 120 -5.51 15.09 -13.66
N ARG C 121 -6.40 14.52 -12.85
CA ARG C 121 -7.24 15.33 -11.95
C ARG C 121 -7.51 14.57 -10.68
N VAL C 122 -7.68 15.31 -9.58
CA VAL C 122 -8.25 14.70 -8.37
C VAL C 122 -9.71 15.12 -8.23
N TYR C 123 -10.59 14.15 -8.11
CA TYR C 123 -12.00 14.35 -7.86
C TYR C 123 -12.29 14.19 -6.36
N LYS C 124 -13.21 14.99 -5.87
CA LYS C 124 -13.64 14.85 -4.49
C LYS C 124 -14.49 13.60 -4.37
N GLY C 125 -14.24 12.79 -3.35
CA GLY C 125 -14.99 11.57 -3.19
C GLY C 125 -14.47 10.39 -3.99
N GLN C 126 -15.13 9.25 -3.80
CA GLN C 126 -14.78 8.01 -4.45
C GLN C 126 -15.64 7.86 -5.69
N LYS C 127 -14.98 7.97 -6.85
CA LYS C 127 -15.68 7.99 -8.12
C LYS C 127 -15.11 6.92 -9.04
N ARG C 128 -15.97 6.30 -9.83
CA ARG C 128 -15.54 5.36 -10.85
C ARG C 128 -15.25 6.13 -12.13
N ALA C 129 -14.27 5.64 -12.88
CA ALA C 129 -14.06 6.11 -14.26
C ALA C 129 -15.23 5.66 -15.13
N ASP C 130 -15.70 6.57 -15.99
CA ASP C 130 -16.82 6.29 -16.88
C ASP C 130 -16.85 7.27 -18.01
N GLN C 131 -17.80 7.12 -18.93
CA GLN C 131 -17.88 8.04 -20.08
C GLN C 131 -17.99 9.51 -19.67
N ARG C 132 -18.74 9.78 -18.60
CA ARG C 132 -18.88 11.15 -18.15
C ARG C 132 -17.55 11.70 -17.71
N MET C 133 -16.75 10.90 -17.00
CA MET C 133 -15.45 11.35 -16.55
C MET C 133 -14.50 11.56 -17.74
N TYR C 134 -14.55 10.69 -18.73
CA TYR C 134 -13.83 10.91 -19.97
C TYR C 134 -14.20 12.30 -20.58
N GLU C 135 -15.50 12.55 -20.72
CA GLU C 135 -15.92 13.81 -21.32
CA GLU C 135 -15.96 13.82 -21.30
C GLU C 135 -15.42 15.01 -20.54
N GLU C 136 -15.47 14.95 -19.21
CA GLU C 136 -14.94 16.03 -18.37
C GLU C 136 -13.44 16.23 -18.59
N LEU C 137 -12.67 15.15 -18.50
CA LEU C 137 -11.21 15.25 -18.61
C LEU C 137 -10.72 15.65 -19.99
N TYR C 138 -11.47 15.27 -21.02
CA TYR C 138 -11.09 15.56 -22.40
C TYR C 138 -11.58 16.94 -22.85
N TYR C 139 -12.86 17.22 -22.61
CA TYR C 139 -13.50 18.44 -23.13
C TYR C 139 -13.48 19.64 -22.20
N HIS C 140 -13.27 19.43 -20.89
CA HIS C 140 -13.48 20.52 -19.93
C HIS C 140 -12.36 20.82 -18.97
N ARG C 141 -11.45 19.89 -18.78
CA ARG C 141 -10.41 20.09 -17.75
C ARG C 141 -8.99 20.23 -18.32
N SER C 142 -8.89 20.83 -19.50
CA SER C 142 -7.60 21.27 -20.03
C SER C 142 -6.56 20.16 -20.14
N PRO C 143 -6.87 19.13 -20.94
CA PRO C 143 -5.89 18.08 -21.15
C PRO C 143 -4.56 18.59 -21.73
N PHE C 144 -3.50 17.86 -21.45
CA PHE C 144 -2.18 18.11 -22.01
C PHE C 144 -1.97 17.35 -23.29
N ARG C 145 -1.23 17.94 -24.20
CA ARG C 145 -0.86 17.24 -25.41
C ARG C 145 0.21 16.20 -25.11
N GLY C 146 0.11 15.07 -25.79
CA GLY C 146 1.22 14.18 -25.94
C GLY C 146 2.16 14.70 -26.99
N ASP C 147 3.01 15.64 -26.57
CA ASP C 147 3.82 16.46 -27.46
C ASP C 147 5.28 16.34 -27.17
N ASN C 148 5.67 15.22 -26.57
CA ASN C 148 7.08 14.96 -26.30
C ASN C 148 7.71 15.93 -25.34
N GLY C 149 6.88 16.49 -24.47
CA GLY C 149 7.38 17.35 -23.39
C GLY C 149 6.66 17.14 -22.08
N TRP C 150 7.29 17.62 -21.02
CA TRP C 150 6.74 17.53 -19.68
C TRP C 150 5.69 18.61 -19.44
N HIS C 151 4.66 18.27 -18.69
CA HIS C 151 3.66 19.27 -18.25
C HIS C 151 3.36 19.02 -16.77
N SER C 152 3.22 20.09 -16.03
CA SER C 152 2.94 20.04 -14.59
CA SER C 152 2.86 19.98 -14.61
C SER C 152 1.64 20.82 -14.29
N ARG C 153 0.96 20.47 -13.22
CA ARG C 153 -0.07 21.32 -12.67
C ARG C 153 -0.32 20.98 -11.23
N GLY C 154 -0.74 21.98 -10.46
CA GLY C 154 -1.31 21.71 -9.15
C GLY C 154 -2.62 20.96 -9.27
N LEU C 155 -2.87 20.01 -8.38
CA LEU C 155 -4.11 19.23 -8.39
C LEU C 155 -5.12 19.64 -7.31
N GLY C 156 -4.72 20.56 -6.46
CA GLY C 156 -5.46 20.80 -5.21
C GLY C 156 -5.19 19.65 -4.25
N TYR C 157 -5.83 19.67 -3.08
CA TYR C 157 -5.75 18.56 -2.14
C TYR C 157 -4.33 18.25 -1.65
N GLY C 158 -3.49 19.27 -1.67
CA GLY C 158 -2.10 19.14 -1.27
C GLY C 158 -1.18 18.43 -2.24
N LEU C 159 -1.63 18.29 -3.49
CA LEU C 159 -0.93 17.49 -4.49
C LEU C 159 -0.61 18.25 -5.76
N LYS C 160 0.38 17.73 -6.48
CA LYS C 160 0.69 18.23 -7.81
C LYS C 160 1.10 17.06 -8.70
N SER C 161 1.03 17.28 -10.01
CA SER C 161 1.30 16.26 -11.04
CA SER C 161 1.43 16.23 -10.94
C SER C 161 2.32 16.78 -12.01
N ARG C 162 3.13 15.89 -12.55
CA ARG C 162 4.07 16.18 -13.61
C ARG C 162 4.06 14.97 -14.49
N GLY C 163 3.94 15.15 -15.78
CA GLY C 163 3.87 14.02 -16.68
C GLY C 163 4.42 14.28 -18.05
N PHE C 164 4.67 13.21 -18.78
CA PHE C 164 5.24 13.25 -20.12
C PHE C 164 4.59 12.17 -20.99
N MET C 165 4.18 12.56 -22.20
CA MET C 165 3.66 11.63 -23.15
C MET C 165 4.27 11.92 -24.50
N ASN C 166 4.63 10.88 -25.24
CA ASN C 166 5.11 11.09 -26.57
C ASN C 166 3.94 11.25 -27.53
N SER C 167 4.28 11.48 -28.79
CA SER C 167 3.30 11.86 -29.79
C SER C 167 2.84 10.74 -30.77
N SER C 168 3.42 9.56 -30.68
CA SER C 168 3.13 8.54 -31.68
CA SER C 168 3.23 8.45 -31.62
C SER C 168 2.15 7.50 -31.16
N GLY C 169 1.79 6.61 -32.08
CA GLY C 169 0.79 5.59 -31.78
C GLY C 169 1.23 4.45 -30.90
N HIS C 170 2.53 4.39 -30.59
CA HIS C 170 3.08 3.51 -29.55
C HIS C 170 3.48 4.50 -28.48
N ALA C 171 2.57 4.69 -27.54
CA ALA C 171 2.64 5.80 -26.56
C ALA C 171 3.21 5.35 -25.24
N ILE C 172 4.07 6.19 -24.70
CA ILE C 172 4.48 6.11 -23.29
C ILE C 172 3.87 7.30 -22.54
N LEU C 173 3.42 7.03 -21.31
CA LEU C 173 2.82 8.07 -20.45
C LEU C 173 3.37 7.86 -19.05
N GLU C 174 4.24 8.77 -18.66
CA GLU C 174 4.92 8.73 -17.37
C GLU C 174 4.41 9.88 -16.51
N ILE C 175 3.80 9.56 -15.38
CA ILE C 175 3.22 10.56 -14.48
C ILE C 175 3.77 10.39 -13.05
N HIS C 176 4.10 11.51 -12.41
CA HIS C 176 4.50 11.53 -11.00
C HIS C 176 3.49 12.40 -10.26
N VAL C 177 2.98 11.89 -9.17
CA VAL C 177 2.10 12.63 -8.28
C VAL C 177 2.84 12.86 -6.97
N THR C 178 3.05 14.13 -6.64
CA THR C 178 3.87 14.54 -5.49
C THR C 178 3.08 15.48 -4.56
N LYS C 179 3.64 15.73 -3.37
CA LYS C 179 3.07 16.69 -2.47
C LYS C 179 3.39 18.10 -2.98
N ALA C 180 2.41 18.99 -2.89
CA ALA C 180 2.58 20.33 -3.41
C ALA C 180 3.46 21.16 -2.49
N ASP D 4 9.33 16.45 -40.51
CA ASP D 4 10.79 16.24 -40.56
C ASP D 4 11.43 16.18 -39.17
N VAL D 5 10.85 15.34 -38.32
CA VAL D 5 11.32 15.25 -36.94
C VAL D 5 11.60 13.79 -36.59
N ALA D 6 12.47 13.58 -35.61
CA ALA D 6 12.68 12.26 -35.07
C ALA D 6 11.31 11.65 -34.67
N GLY D 7 11.13 10.40 -35.05
CA GLY D 7 9.96 9.61 -34.79
C GLY D 7 9.06 9.52 -36.00
N ALA D 8 9.31 10.38 -36.99
CA ALA D 8 8.48 10.44 -38.20
C ALA D 8 8.99 9.47 -39.26
N VAL D 9 8.09 9.15 -40.19
CA VAL D 9 8.36 8.45 -41.42
C VAL D 9 8.15 9.44 -42.54
N ILE D 10 9.13 9.53 -43.45
CA ILE D 10 9.13 10.51 -44.55
C ILE D 10 9.34 9.80 -45.88
N ASP D 11 9.12 10.49 -46.98
CA ASP D 11 9.44 9.91 -48.29
CA ASP D 11 9.45 9.95 -48.30
C ASP D 11 10.93 9.61 -48.33
N GLY D 12 11.29 8.42 -48.82
CA GLY D 12 12.69 7.96 -48.84
C GLY D 12 13.63 8.96 -49.48
N ALA D 13 13.22 9.54 -50.61
CA ALA D 13 14.02 10.58 -51.25
C ALA D 13 14.32 11.81 -50.38
N GLY D 14 13.51 12.04 -49.36
CA GLY D 14 13.69 13.17 -48.46
C GLY D 14 14.84 12.99 -47.50
N LEU D 15 15.32 11.76 -47.33
CA LEU D 15 16.41 11.53 -46.39
C LEU D 15 17.75 12.03 -46.95
N GLY D 16 18.45 12.78 -46.12
CA GLY D 16 19.79 13.24 -46.43
C GLY D 16 20.37 13.90 -45.19
N PHE D 17 21.59 14.41 -45.34
CA PHE D 17 22.34 15.02 -44.23
C PHE D 17 21.55 16.16 -43.59
N ASP D 18 20.90 17.00 -44.40
CA ASP D 18 20.28 18.18 -43.83
C ASP D 18 19.11 17.87 -42.94
N VAL D 19 18.28 16.89 -43.29
CA VAL D 19 17.15 16.49 -42.42
CA VAL D 19 17.17 16.60 -42.38
C VAL D 19 17.73 16.01 -41.09
N LEU D 20 18.79 15.21 -41.19
CA LEU D 20 19.40 14.63 -39.98
C LEU D 20 20.09 15.67 -39.12
N LYS D 21 20.66 16.72 -39.76
CA LYS D 21 21.27 17.80 -39.03
C LYS D 21 20.20 18.49 -38.21
N THR D 22 19.02 18.69 -38.81
CA THR D 22 17.90 19.35 -38.12
C THR D 22 17.48 18.54 -36.92
N VAL D 23 17.36 17.25 -37.09
CA VAL D 23 17.07 16.31 -35.97
C VAL D 23 18.12 16.41 -34.86
N LEU D 24 19.38 16.46 -35.27
CA LEU D 24 20.45 16.57 -34.31
C LEU D 24 20.38 17.88 -33.51
N GLU D 25 20.12 18.98 -34.23
CA GLU D 25 20.04 20.27 -33.60
C GLU D 25 18.87 20.37 -32.62
N ALA D 26 17.77 19.67 -32.92
CA ALA D 26 16.58 19.77 -32.06
C ALA D 26 16.82 19.18 -30.67
N LEU D 27 17.82 18.31 -30.50
CA LEU D 27 18.19 17.79 -29.18
C LEU D 27 18.90 18.78 -28.28
N GLY D 28 19.33 19.93 -28.82
CA GLY D 28 20.04 20.89 -28.02
C GLY D 28 21.44 20.47 -27.63
N ASN D 29 22.02 21.20 -26.68
CA ASN D 29 23.47 21.01 -26.48
C ASN D 29 23.82 19.94 -25.47
N VAL D 30 23.37 18.73 -25.75
CA VAL D 30 23.78 17.57 -24.96
C VAL D 30 25.10 17.06 -25.57
N LYS D 31 25.94 16.49 -24.73
CA LYS D 31 27.32 16.28 -25.11
C LYS D 31 27.52 15.21 -26.19
N ARG D 32 26.74 14.14 -26.10
CA ARG D 32 26.78 13.08 -27.08
C ARG D 32 25.37 12.77 -27.51
N LYS D 33 25.20 12.67 -28.81
CA LYS D 33 23.86 12.54 -29.39
C LYS D 33 23.99 12.04 -30.80
N ILE D 34 22.91 11.49 -31.34
CA ILE D 34 22.92 10.97 -32.69
C ILE D 34 21.57 11.18 -33.35
N ALA D 35 21.63 11.46 -34.65
CA ALA D 35 20.45 11.46 -35.52
C ALA D 35 20.60 10.34 -36.51
N VAL D 36 19.60 9.46 -36.59
CA VAL D 36 19.64 8.26 -37.41
C VAL D 36 18.53 8.34 -38.44
N GLY D 37 18.88 8.08 -39.68
CA GLY D 37 17.88 7.94 -40.71
C GLY D 37 18.12 6.72 -41.55
N ILE D 38 17.07 5.96 -41.77
CA ILE D 38 17.17 4.72 -42.54
C ILE D 38 16.11 4.72 -43.63
N ASP D 39 16.58 4.60 -44.87
CA ASP D 39 15.70 4.62 -46.06
C ASP D 39 15.42 3.20 -46.50
N ASN D 40 14.14 2.83 -46.47
CA ASN D 40 13.71 1.51 -46.90
C ASN D 40 13.37 1.48 -48.37
N GLU D 41 14.30 1.01 -49.19
CA GLU D 41 14.01 0.70 -50.61
C GLU D 41 14.20 -0.80 -50.83
N SER D 42 13.84 -1.61 -49.83
CA SER D 42 14.08 -3.04 -49.82
C SER D 42 13.05 -3.89 -50.52
N GLY D 43 11.90 -3.30 -50.83
CA GLY D 43 10.77 -4.04 -51.37
C GLY D 43 9.98 -4.78 -50.29
N LYS D 44 10.30 -4.56 -49.01
CA LYS D 44 9.66 -5.25 -47.87
C LYS D 44 9.18 -4.14 -46.94
N THR D 45 8.04 -4.35 -46.28
CA THR D 45 7.61 -3.45 -45.20
C THR D 45 8.39 -3.77 -43.96
N TRP D 46 8.80 -2.74 -43.23
CA TRP D 46 9.47 -2.92 -41.93
C TRP D 46 8.53 -2.50 -40.79
N THR D 47 8.56 -3.24 -39.67
CA THR D 47 7.78 -2.94 -38.50
C THR D 47 8.75 -2.90 -37.32
N ALA D 48 8.65 -1.86 -36.50
CA ALA D 48 9.59 -1.70 -35.38
C ALA D 48 9.59 -2.90 -34.46
N MET D 49 10.78 -3.29 -33.99
CA MET D 49 10.90 -4.23 -32.87
CA MET D 49 10.92 -4.23 -32.87
C MET D 49 11.27 -3.45 -31.60
N ASN D 50 12.49 -2.91 -31.54
CA ASN D 50 12.98 -2.23 -30.37
C ASN D 50 14.35 -1.64 -30.63
N THR D 51 14.81 -0.82 -29.69
CA THR D 51 16.20 -0.33 -29.66
C THR D 51 16.82 -0.76 -28.35
N TYR D 52 17.95 -1.44 -28.47
CA TYR D 52 18.81 -1.75 -27.32
C TYR D 52 19.79 -0.60 -27.15
N PHE D 53 19.84 -0.01 -25.95
CA PHE D 53 20.91 0.94 -25.61
C PHE D 53 21.91 0.33 -24.62
N ARG D 54 23.13 0.08 -25.09
CA ARG D 54 24.24 -0.22 -24.21
C ARG D 54 24.53 1.01 -23.33
N SER D 55 24.52 2.18 -23.97
CA SER D 55 24.73 3.48 -23.33
C SER D 55 23.79 4.45 -23.99
N GLY D 56 23.15 5.30 -23.20
CA GLY D 56 22.28 6.30 -23.77
C GLY D 56 20.80 5.96 -23.71
N THR D 57 20.02 6.81 -24.36
CA THR D 57 18.57 6.79 -24.24
C THR D 57 17.99 7.51 -25.44
N SER D 58 16.70 7.36 -25.63
CA SER D 58 15.96 8.23 -26.52
C SER D 58 14.61 8.51 -25.89
N ASP D 59 14.11 9.72 -26.11
CA ASP D 59 12.74 10.09 -25.69
C ASP D 59 11.72 9.64 -26.75
N ILE D 60 12.21 9.22 -27.91
CA ILE D 60 11.42 8.84 -29.10
C ILE D 60 11.18 7.35 -29.08
N VAL D 61 9.98 6.93 -29.44
CA VAL D 61 9.71 5.52 -29.67
C VAL D 61 9.95 5.27 -31.18
N LEU D 62 10.53 4.13 -31.56
CA LEU D 62 10.78 3.85 -32.98
C LEU D 62 9.47 3.96 -33.80
N PRO D 63 9.55 4.55 -34.99
CA PRO D 63 8.38 4.60 -35.85
C PRO D 63 7.90 3.18 -36.15
N HIS D 64 6.60 2.94 -36.03
CA HIS D 64 6.04 1.60 -36.08
C HIS D 64 6.22 0.98 -37.46
N LYS D 65 5.81 1.72 -38.49
CA LYS D 65 5.62 1.12 -39.81
C LYS D 65 6.41 1.87 -40.87
N VAL D 66 7.31 1.17 -41.57
CA VAL D 66 8.17 1.77 -42.62
C VAL D 66 8.05 0.96 -43.90
N ALA D 67 7.16 1.45 -44.76
CA ALA D 67 6.92 0.82 -46.04
C ALA D 67 8.07 1.04 -46.99
N HIS D 68 8.07 0.26 -48.04
CA HIS D 68 8.99 0.49 -49.13
C HIS D 68 8.77 1.89 -49.69
N GLY D 69 9.90 2.58 -49.92
CA GLY D 69 9.93 3.94 -50.39
C GLY D 69 9.84 5.01 -49.32
N LYS D 70 9.92 4.58 -48.05
CA LYS D 70 9.83 5.50 -46.92
C LYS D 70 11.12 5.40 -46.11
N ALA D 71 11.44 6.48 -45.41
CA ALA D 71 12.58 6.52 -44.50
C ALA D 71 12.11 6.87 -43.11
N LEU D 72 12.75 6.24 -42.12
CA LEU D 72 12.48 6.56 -40.72
C LEU D 72 13.53 7.54 -40.19
N LEU D 73 13.10 8.38 -39.26
CA LEU D 73 13.98 9.30 -38.56
C LEU D 73 13.94 8.95 -37.09
N TYR D 74 15.09 8.95 -36.45
CA TYR D 74 15.20 8.60 -35.04
C TYR D 74 16.35 9.36 -34.42
N ASN D 75 16.43 9.30 -33.09
CA ASN D 75 17.54 9.93 -32.41
C ASN D 75 17.92 9.21 -31.14
N GLY D 76 19.06 9.58 -30.59
CA GLY D 76 19.48 9.12 -29.30
C GLY D 76 20.40 10.13 -28.67
N GLN D 77 20.60 10.00 -27.38
CA GLN D 77 21.44 10.89 -26.63
C GLN D 77 22.03 10.18 -25.45
N LYS D 78 23.09 10.75 -24.89
CA LYS D 78 23.68 10.13 -23.72
C LYS D 78 22.70 10.14 -22.54
N ASN D 79 22.92 9.23 -21.61
CA ASN D 79 22.17 9.28 -20.36
C ASN D 79 22.46 10.64 -19.72
N ARG D 80 21.42 11.23 -19.16
CA ARG D 80 21.52 12.58 -18.58
C ARG D 80 22.27 12.54 -17.27
N GLY D 81 22.95 13.63 -17.00
CA GLY D 81 23.69 13.77 -15.76
C GLY D 81 25.15 13.47 -15.87
N PRO D 82 25.84 13.39 -14.73
CA PRO D 82 27.29 13.32 -14.71
C PRO D 82 27.81 11.89 -14.87
N VAL D 83 27.48 11.33 -16.02
CA VAL D 83 27.94 10.02 -16.40
CA VAL D 83 27.96 10.02 -16.39
C VAL D 83 28.71 10.16 -17.72
N ALA D 84 29.93 9.65 -17.73
CA ALA D 84 30.85 9.82 -18.85
C ALA D 84 30.69 8.70 -19.87
N THR D 85 29.52 8.67 -20.47
CA THR D 85 29.18 7.63 -21.43
C THR D 85 28.53 8.24 -22.64
N GLY D 86 28.50 7.50 -23.74
CA GLY D 86 28.00 8.02 -25.02
C GLY D 86 26.66 7.46 -25.38
N VAL D 87 26.50 7.18 -26.67
CA VAL D 87 25.26 6.63 -27.14
CA VAL D 87 25.26 6.71 -27.24
C VAL D 87 25.57 5.49 -28.09
N VAL D 88 25.26 4.29 -27.58
CA VAL D 88 25.70 3.06 -28.20
C VAL D 88 24.55 2.08 -28.14
N GLY D 89 24.18 1.51 -29.28
CA GLY D 89 23.06 0.60 -29.29
C GLY D 89 22.75 -0.01 -30.63
N VAL D 90 21.63 -0.71 -30.66
CA VAL D 90 21.19 -1.44 -31.86
C VAL D 90 19.69 -1.28 -32.06
N ILE D 91 19.33 -0.87 -33.28
CA ILE D 91 17.93 -0.75 -33.69
C ILE D 91 17.56 -2.04 -34.42
N ALA D 92 16.38 -2.60 -34.13
CA ALA D 92 15.85 -3.75 -34.83
C ALA D 92 14.47 -3.45 -35.41
N TYR D 93 14.32 -3.78 -36.69
CA TYR D 93 13.03 -3.79 -37.39
C TYR D 93 12.74 -5.19 -37.93
N SER D 94 11.53 -5.69 -37.78
CA SER D 94 11.17 -6.90 -38.51
C SER D 94 10.74 -6.53 -39.92
N MET D 95 11.08 -7.39 -40.87
CA MET D 95 10.66 -7.23 -42.24
C MET D 95 9.55 -8.21 -42.56
N SER D 96 8.81 -7.88 -43.60
CA SER D 96 7.61 -8.65 -43.97
C SER D 96 7.92 -10.02 -44.47
N ASP D 97 9.21 -10.31 -44.74
CA ASP D 97 9.65 -11.66 -45.11
C ASP D 97 10.03 -12.53 -43.93
N GLY D 98 9.87 -12.03 -42.71
CA GLY D 98 10.20 -12.84 -41.56
C GLY D 98 11.62 -12.72 -41.08
N ASN D 99 12.36 -11.78 -41.64
CA ASN D 99 13.74 -11.50 -41.20
C ASN D 99 13.79 -10.19 -40.45
N THR D 100 14.96 -9.88 -39.91
CA THR D 100 15.14 -8.70 -39.08
C THR D 100 16.28 -7.84 -39.60
N LEU D 101 16.04 -6.55 -39.80
CA LEU D 101 17.09 -5.59 -40.10
C LEU D 101 17.60 -5.02 -38.80
N ALA D 102 18.91 -5.10 -38.62
CA ALA D 102 19.56 -4.60 -37.42
C ALA D 102 20.59 -3.52 -37.77
N VAL D 103 20.60 -2.43 -37.00
CA VAL D 103 21.55 -1.32 -37.20
C VAL D 103 22.26 -1.03 -35.89
N LEU D 104 23.57 -1.13 -35.91
CA LEU D 104 24.44 -0.73 -34.82
C LEU D 104 24.84 0.74 -34.96
N PHE D 105 24.81 1.46 -33.84
CA PHE D 105 25.46 2.78 -33.76
C PHE D 105 26.32 2.84 -32.51
N SER D 106 27.49 3.49 -32.62
CA SER D 106 28.37 3.61 -31.46
C SER D 106 29.04 4.96 -31.51
N VAL D 107 28.65 5.80 -30.55
CA VAL D 107 29.17 7.15 -30.36
C VAL D 107 29.76 7.20 -28.96
N PRO D 108 31.10 7.17 -28.85
CA PRO D 108 31.70 7.02 -27.53
C PRO D 108 31.76 8.33 -26.75
N TYR D 109 32.03 8.24 -25.45
CA TYR D 109 32.30 9.45 -24.69
C TYR D 109 33.68 10.03 -25.02
N ASP D 110 34.70 9.18 -24.98
CA ASP D 110 36.09 9.65 -24.98
C ASP D 110 36.80 9.41 -26.30
N TYR D 111 36.85 10.47 -27.14
CA TYR D 111 37.52 10.36 -28.44
C TYR D 111 39.06 10.34 -28.40
N ASN D 112 39.65 10.52 -27.22
CA ASN D 112 41.09 10.20 -27.07
C ASN D 112 41.40 8.71 -27.22
N TRP D 113 40.39 7.85 -26.98
CA TRP D 113 40.60 6.41 -26.98
C TRP D 113 39.75 5.66 -28.02
N TYR D 114 38.57 6.21 -28.35
CA TYR D 114 37.57 5.52 -29.17
C TYR D 114 37.06 6.43 -30.29
N SER D 115 36.39 5.82 -31.26
CA SER D 115 35.86 6.52 -32.44
CA SER D 115 35.80 6.60 -32.36
C SER D 115 34.43 6.02 -32.72
N ASN D 116 33.75 6.70 -33.64
CA ASN D 116 32.42 6.28 -34.05
C ASN D 116 32.44 5.04 -34.92
N TRP D 117 31.46 4.15 -34.71
CA TRP D 117 31.25 2.97 -35.56
C TRP D 117 29.76 2.78 -35.82
N TRP D 118 29.46 2.08 -36.91
CA TRP D 118 28.09 1.66 -37.23
C TRP D 118 28.12 0.31 -37.94
N ASN D 119 26.98 -0.34 -38.03
CA ASN D 119 26.90 -1.56 -38.84
C ASN D 119 25.47 -1.81 -39.22
N VAL D 120 25.28 -2.66 -40.20
CA VAL D 120 23.95 -3.06 -40.61
CA VAL D 120 23.94 -3.08 -40.65
C VAL D 120 24.00 -4.56 -40.99
N ARG D 121 22.97 -5.31 -40.62
CA ARG D 121 22.89 -6.74 -40.90
C ARG D 121 21.45 -7.19 -40.98
N VAL D 122 21.20 -8.24 -41.75
CA VAL D 122 19.89 -8.94 -41.76
C VAL D 122 20.07 -10.28 -41.04
N TYR D 123 19.22 -10.51 -40.05
CA TYR D 123 19.16 -11.75 -39.28
C TYR D 123 17.93 -12.56 -39.72
N LYS D 124 18.07 -13.88 -39.66
CA LYS D 124 16.95 -14.77 -39.89
C LYS D 124 15.95 -14.73 -38.73
N GLY D 125 14.65 -14.66 -39.07
CA GLY D 125 13.63 -14.65 -38.08
C GLY D 125 13.43 -13.27 -37.48
N GLN D 126 12.60 -13.22 -36.44
CA GLN D 126 12.16 -12.03 -35.81
C GLN D 126 12.92 -11.91 -34.47
N LYS D 127 13.97 -11.10 -34.49
CA LYS D 127 14.99 -11.08 -33.46
C LYS D 127 15.12 -9.69 -32.84
N ARG D 128 14.83 -9.57 -31.53
CA ARG D 128 14.91 -8.27 -30.88
C ARG D 128 16.36 -7.86 -30.69
N ALA D 129 16.56 -6.54 -30.68
CA ALA D 129 17.88 -5.98 -30.36
C ALA D 129 18.20 -6.19 -28.87
N ASP D 130 19.42 -6.61 -28.60
CA ASP D 130 19.90 -6.85 -27.24
C ASP D 130 21.41 -6.83 -27.18
N GLN D 131 21.93 -7.04 -25.97
CA GLN D 131 23.36 -7.01 -25.73
C GLN D 131 24.09 -8.02 -26.61
N ARG D 132 23.52 -9.22 -26.75
CA ARG D 132 24.17 -10.23 -27.60
C ARG D 132 24.25 -9.79 -29.07
N MET D 133 23.22 -9.11 -29.58
CA MET D 133 23.26 -8.59 -30.94
C MET D 133 24.29 -7.47 -31.10
N TYR D 134 24.40 -6.62 -30.09
CA TYR D 134 25.45 -5.58 -30.06
C TYR D 134 26.84 -6.25 -30.18
N GLU D 135 27.06 -7.28 -29.37
CA GLU D 135 28.36 -7.94 -29.34
C GLU D 135 28.67 -8.52 -30.69
N GLU D 136 27.68 -9.15 -31.36
CA GLU D 136 27.89 -9.64 -32.71
C GLU D 136 28.26 -8.55 -33.72
N LEU D 137 27.45 -7.50 -33.75
CA LEU D 137 27.59 -6.47 -34.74
C LEU D 137 28.87 -5.66 -34.57
N TYR D 138 29.28 -5.47 -33.32
CA TYR D 138 30.47 -4.72 -33.03
C TYR D 138 31.75 -5.54 -33.18
N TYR D 139 31.80 -6.72 -32.58
CA TYR D 139 33.04 -7.50 -32.49
C TYR D 139 33.24 -8.52 -33.59
N HIS D 140 32.18 -8.85 -34.32
CA HIS D 140 32.27 -9.98 -35.26
C HIS D 140 31.84 -9.76 -36.67
N ARG D 141 31.10 -8.69 -36.94
CA ARG D 141 30.51 -8.50 -38.28
C ARG D 141 31.05 -7.26 -39.01
N SER D 142 32.32 -6.93 -38.76
CA SER D 142 33.05 -5.95 -39.56
C SER D 142 32.34 -4.59 -39.65
N PRO D 143 32.14 -3.93 -38.48
CA PRO D 143 31.51 -2.62 -38.51
C PRO D 143 32.30 -1.60 -39.33
N PHE D 144 31.61 -0.58 -39.80
CA PHE D 144 32.18 0.53 -40.49
C PHE D 144 32.56 1.66 -39.54
N ARG D 145 33.64 2.36 -39.84
CA ARG D 145 34.00 3.56 -39.09
C ARG D 145 33.11 4.72 -39.46
N GLY D 146 32.73 5.54 -38.47
CA GLY D 146 32.19 6.85 -38.75
C GLY D 146 33.33 7.76 -39.10
N ASP D 147 33.65 7.73 -40.38
CA ASP D 147 34.81 8.42 -40.94
C ASP D 147 34.42 9.49 -41.94
N ASN D 148 33.19 9.98 -41.89
CA ASN D 148 32.69 10.97 -42.84
C ASN D 148 32.70 10.49 -44.32
N GLY D 149 32.72 9.17 -44.51
CA GLY D 149 32.70 8.54 -45.82
C GLY D 149 31.53 7.59 -45.93
N TRP D 150 31.21 7.24 -47.15
CA TRP D 150 30.16 6.29 -47.47
C TRP D 150 30.74 4.90 -47.62
N HIS D 151 29.96 3.90 -47.24
CA HIS D 151 30.35 2.50 -47.31
C HIS D 151 29.20 1.65 -47.79
N SER D 152 29.49 0.74 -48.72
CA SER D 152 28.46 -0.15 -49.29
C SER D 152 28.83 -1.58 -49.02
N ARG D 153 27.84 -2.42 -48.77
CA ARG D 153 28.04 -3.84 -48.64
C ARG D 153 26.75 -4.63 -48.83
N GLY D 154 26.87 -5.79 -49.44
CA GLY D 154 25.76 -6.70 -49.53
C GLY D 154 25.28 -7.18 -48.15
N LEU D 155 23.97 -7.44 -48.06
CA LEU D 155 23.36 -7.94 -46.84
C LEU D 155 22.88 -9.39 -46.95
N GLY D 156 23.04 -10.01 -48.12
CA GLY D 156 22.29 -11.23 -48.38
C GLY D 156 20.82 -10.90 -48.58
N TYR D 157 20.02 -11.95 -48.76
CA TYR D 157 18.56 -11.85 -48.86
C TYR D 157 18.14 -10.93 -50.00
N GLY D 158 18.98 -10.79 -51.01
CA GLY D 158 18.74 -9.89 -52.13
C GLY D 158 18.81 -8.41 -51.84
N LEU D 159 19.48 -8.05 -50.75
CA LEU D 159 19.57 -6.67 -50.32
C LEU D 159 21.02 -6.22 -50.20
N LYS D 160 21.21 -4.90 -50.26
CA LYS D 160 22.48 -4.26 -49.96
C LYS D 160 22.25 -2.98 -49.18
N SER D 161 23.31 -2.51 -48.54
CA SER D 161 23.27 -1.27 -47.78
C SER D 161 24.32 -0.31 -48.30
N ARG D 162 24.02 0.98 -48.21
CA ARG D 162 24.97 2.07 -48.45
C ARG D 162 24.69 3.09 -47.35
N GLY D 163 25.72 3.47 -46.62
CA GLY D 163 25.52 4.34 -45.51
C GLY D 163 26.70 5.22 -45.21
N PHE D 164 26.47 6.20 -44.33
CA PHE D 164 27.41 7.24 -43.99
C PHE D 164 27.28 7.54 -42.52
N MET D 165 28.40 7.73 -41.83
CA MET D 165 28.37 8.25 -40.46
C MET D 165 29.50 9.26 -40.34
N ASN D 166 29.23 10.38 -39.67
CA ASN D 166 30.28 11.36 -39.38
C ASN D 166 31.13 10.90 -38.22
N SER D 167 32.16 11.67 -37.88
CA SER D 167 33.11 11.28 -36.83
C SER D 167 32.90 11.98 -35.49
N SER D 168 31.97 12.91 -35.44
CA SER D 168 31.72 13.75 -34.25
C SER D 168 30.88 13.04 -33.18
N GLY D 169 31.00 13.56 -31.98
CA GLY D 169 30.10 13.23 -30.87
C GLY D 169 28.68 13.71 -31.01
N HIS D 170 28.46 14.64 -31.95
CA HIS D 170 27.14 15.03 -32.41
C HIS D 170 26.98 14.33 -33.75
N ALA D 171 26.54 13.07 -33.66
CA ALA D 171 26.68 12.14 -34.76
C ALA D 171 25.44 12.12 -35.68
N ILE D 172 25.72 11.81 -36.93
CA ILE D 172 24.71 11.64 -38.01
C ILE D 172 25.03 10.28 -38.62
N LEU D 173 24.01 9.42 -38.72
CA LEU D 173 24.09 8.13 -39.36
C LEU D 173 22.95 8.03 -40.36
N GLU D 174 23.31 7.84 -41.64
CA GLU D 174 22.34 7.79 -42.73
C GLU D 174 22.53 6.49 -43.49
N ILE D 175 21.51 5.65 -43.57
CA ILE D 175 21.62 4.34 -44.19
C ILE D 175 20.50 4.14 -45.20
N HIS D 176 20.86 3.60 -46.37
CA HIS D 176 19.90 3.23 -47.42
C HIS D 176 19.98 1.75 -47.67
N VAL D 177 18.85 1.08 -47.60
CA VAL D 177 18.75 -0.35 -47.84
C VAL D 177 18.02 -0.53 -49.17
N THR D 178 18.68 -1.19 -50.13
CA THR D 178 18.17 -1.29 -51.50
C THR D 178 18.27 -2.73 -51.94
N LYS D 179 17.62 -3.03 -53.06
CA LYS D 179 17.74 -4.36 -53.65
C LYS D 179 19.13 -4.52 -54.30
N ALA D 180 19.70 -5.72 -54.13
CA ALA D 180 21.04 -6.05 -54.66
C ALA D 180 21.03 -6.02 -56.17
CL CL E . 8.86 -13.30 24.24
O1 NGY F . -32.81 3.21 33.07
C1 NGY F . -33.24 4.08 32.02
C2 NGY F . -34.54 3.61 31.38
C3 NGY F . -34.11 2.52 30.39
C4 NGY F . -32.94 3.05 29.52
C5 NGY F . -31.76 3.52 30.39
C6 NGY F . -30.55 3.97 29.61
O3 NGY F . -35.20 2.08 29.59
O4 NGY F . -32.51 1.99 28.65
O5 NGY F . -32.17 4.63 31.23
O6 NGY F . -30.91 5.12 28.82
N2 NGY F . -35.45 3.12 32.40
C7 NGY F . -36.43 3.88 32.90
O7 NGY F . -36.59 5.04 32.53
C8 NGY F . -37.35 3.22 33.87
S NGY F . -30.00 5.41 27.59
O7A NGY F . -30.35 4.38 26.67
O8 NGY F . -30.45 6.80 26.98
O9 NGY F . -28.58 5.39 28.07
CL CL G . -32.85 3.57 14.46
CL CL H . -10.44 -1.37 26.71
CL CL I . -8.71 0.30 1.41
CL CL J . -17.84 19.39 26.90
CL CL K . -7.79 12.25 6.29
CL CL L . -29.79 -3.90 19.91
C1 GOL M . -13.06 5.47 -0.07
O1 GOL M . -13.33 6.85 -0.38
C2 GOL M . -12.16 5.35 1.15
O2 GOL M . -10.88 5.87 0.78
C3 GOL M . -12.03 3.87 1.53
O3 GOL M . -11.29 3.71 2.74
CL CL N . -6.87 15.84 -31.44
CL CL O . -14.59 17.16 -7.88
CL CL P . -9.52 6.73 -32.14
CL CL P . -10.46 5.92 -30.83
C1 GOL Q . -13.32 13.40 1.21
O1 GOL Q . -13.10 14.54 0.33
C2 GOL Q . -14.69 12.80 0.86
O2 GOL Q . -15.75 13.78 0.80
C3 GOL Q . -15.16 11.78 1.87
O3 GOL Q . -14.17 10.80 2.07
O1 NGY R . 29.55 -8.41 -18.71
C1 NGY R . 30.58 -8.86 -19.60
C2 NGY R . 31.81 -8.04 -19.27
C3 NGY R . 31.55 -6.54 -19.42
C4 NGY R . 30.94 -6.27 -20.78
C5 NGY R . 29.61 -7.00 -20.91
C6 NGY R . 28.92 -6.75 -22.26
O3 NGY R . 32.79 -5.80 -19.24
O4 NGY R . 30.69 -4.86 -20.92
O5 NGY R . 29.76 -8.43 -20.72
O6 NGY R . 29.74 -7.23 -23.33
N2 NGY R . 32.17 -8.36 -17.90
C7 NGY R . 32.90 -9.42 -17.59
O7 NGY R . 33.35 -10.19 -18.43
C8 NGY R . 33.13 -9.65 -16.13
S NGY R . 29.50 -6.57 -24.72
O7A NGY R . 30.04 -5.26 -24.56
O8 NGY R . 30.33 -7.32 -25.84
O9 NGY R . 28.02 -6.66 -24.96
CL CL S . 11.19 2.12 -29.07
CL CL T . 37.15 2.66 -31.21
CL CL U . 30.98 5.45 -24.11
CL CL U . 29.83 4.65 -23.59
#